data_5X6T
#
_entry.id   5X6T
#
loop_
_entity.id
_entity.type
_entity.pdbx_description
1 polymer 'Synaptotagmin-like protein 4'
2 non-polymer 'ZINC ION'
#
_entity_poly.entity_id   1
_entity_poly.type   'polypeptide(L)'
_entity_poly.pdbx_seq_one_letter_code
;SDRTCARCQESLGRLSPKTNTCRGCNHLVCRDCRIQESNGTWRCKVCAKEIEL
;
_entity_poly.pdbx_strand_id   A
#
# COMPACT_ATOMS: atom_id res chain seq x y z
N SER A 1 5.63 -9.35 -10.96
CA SER A 1 5.15 -10.66 -10.56
C SER A 1 6.07 -11.28 -9.50
N ASP A 2 6.74 -10.42 -8.75
CA ASP A 2 7.67 -10.88 -7.71
C ASP A 2 7.23 -10.36 -6.35
N ARG A 3 6.22 -9.49 -6.33
CA ARG A 3 5.71 -8.91 -5.10
C ARG A 3 6.55 -7.72 -4.68
N THR A 4 6.49 -6.64 -5.46
CA THR A 4 7.25 -5.44 -5.17
C THR A 4 6.32 -4.25 -4.96
N CYS A 5 6.67 -3.40 -4.00
CA CYS A 5 5.87 -2.22 -3.69
C CYS A 5 5.38 -1.55 -4.97
N ALA A 6 4.26 -0.85 -4.87
CA ALA A 6 3.69 -0.16 -6.02
C ALA A 6 3.97 1.34 -5.95
N ARG A 7 4.74 1.75 -4.95
CA ARG A 7 5.09 3.15 -4.77
C ARG A 7 6.60 3.36 -4.76
N CYS A 8 7.31 2.37 -4.20
CA CYS A 8 8.77 2.44 -4.13
C CYS A 8 9.40 1.27 -4.86
N GLN A 9 8.58 0.30 -5.25
CA GLN A 9 9.06 -0.88 -5.97
C GLN A 9 10.15 -1.58 -5.18
N GLU A 10 9.82 -1.99 -3.96
CA GLU A 10 10.78 -2.68 -3.10
C GLU A 10 10.32 -4.10 -2.79
N SER A 11 11.27 -4.98 -2.51
CA SER A 11 10.96 -6.38 -2.20
C SER A 11 9.99 -6.47 -1.04
N LEU A 12 8.99 -7.33 -1.18
CA LEU A 12 7.99 -7.51 -0.13
C LEU A 12 8.36 -8.67 0.79
N GLY A 13 8.80 -9.78 0.19
CA GLY A 13 9.20 -10.94 0.97
C GLY A 13 8.31 -11.14 2.19
N ARG A 14 8.89 -10.94 3.36
CA ARG A 14 8.15 -11.11 4.61
C ARG A 14 7.23 -9.92 4.87
N LEU A 15 6.41 -9.60 3.88
CA LEU A 15 5.48 -8.48 3.99
C LEU A 15 4.05 -8.98 4.15
N SER A 16 3.72 -10.06 3.45
CA SER A 16 2.38 -10.64 3.51
C SER A 16 1.44 -9.91 2.57
N PRO A 17 1.50 -10.28 1.28
CA PRO A 17 0.65 -9.67 0.25
C PRO A 17 -0.82 -10.07 0.38
N LYS A 18 -1.11 -10.87 1.41
CA LYS A 18 -2.47 -11.32 1.66
C LYS A 18 -3.36 -10.16 2.07
N THR A 19 -2.77 -9.20 2.79
CA THR A 19 -3.52 -8.04 3.25
C THR A 19 -2.74 -6.75 3.00
N ASN A 20 -1.56 -6.89 2.40
CA ASN A 20 -0.72 -5.74 2.11
C ASN A 20 -1.01 -5.18 0.71
N THR A 21 -2.30 -5.11 0.37
CA THR A 21 -2.72 -4.61 -0.92
C THR A 21 -3.75 -3.49 -0.78
N CYS A 22 -3.32 -2.26 -1.06
CA CYS A 22 -4.19 -1.11 -0.96
C CYS A 22 -5.61 -1.45 -1.40
N ARG A 23 -6.58 -1.18 -0.53
CA ARG A 23 -7.98 -1.47 -0.82
C ARG A 23 -8.56 -0.42 -1.77
N GLY A 24 -7.74 0.56 -2.13
CA GLY A 24 -8.19 1.60 -3.04
C GLY A 24 -7.49 1.57 -4.37
N CYS A 25 -6.42 0.77 -4.45
CA CYS A 25 -5.65 0.65 -5.69
C CYS A 25 -5.54 -0.81 -6.11
N ASN A 26 -5.49 -1.71 -5.12
CA ASN A 26 -5.38 -3.14 -5.39
C ASN A 26 -3.93 -3.53 -5.67
N HIS A 27 -3.01 -2.63 -5.35
CA HIS A 27 -1.59 -2.89 -5.56
C HIS A 27 -0.87 -3.13 -4.23
N LEU A 28 0.38 -3.58 -4.32
CA LEU A 28 1.17 -3.85 -3.13
C LEU A 28 1.79 -2.58 -2.57
N VAL A 29 1.98 -2.54 -1.26
CA VAL A 29 2.56 -1.37 -0.61
C VAL A 29 3.21 -1.75 0.72
N CYS A 30 4.53 -1.65 0.78
CA CYS A 30 5.28 -1.98 1.98
C CYS A 30 4.66 -1.30 3.21
N ARG A 31 5.23 -1.57 4.38
CA ARG A 31 4.74 -0.99 5.61
C ARG A 31 5.31 0.41 5.83
N ASP A 32 5.76 1.03 4.74
CA ASP A 32 6.34 2.37 4.81
C ASP A 32 5.63 3.31 3.85
N CYS A 33 4.84 2.74 2.94
CA CYS A 33 4.11 3.54 1.96
C CYS A 33 2.62 3.57 2.30
N ARG A 34 2.27 3.06 3.48
CA ARG A 34 0.88 3.02 3.92
C ARG A 34 0.62 4.11 4.96
N ILE A 35 -0.55 4.74 4.87
CA ILE A 35 -0.92 5.79 5.80
C ILE A 35 -2.10 5.37 6.68
N GLN A 36 -1.83 5.17 7.97
CA GLN A 36 -2.86 4.75 8.90
C GLN A 36 -4.12 5.60 8.74
N GLU A 37 -5.13 5.03 8.10
CA GLU A 37 -6.39 5.74 7.87
C GLU A 37 -7.23 5.77 9.15
N SER A 38 -7.85 6.92 9.41
CA SER A 38 -8.68 7.09 10.59
C SER A 38 -9.71 5.97 10.70
N ASN A 39 -9.99 5.32 9.57
CA ASN A 39 -10.96 4.24 9.53
C ASN A 39 -10.34 2.94 10.07
N GLY A 40 -10.94 1.81 9.69
CA GLY A 40 -10.44 0.53 10.14
C GLY A 40 -9.56 -0.15 9.11
N THR A 41 -8.65 0.61 8.50
CA THR A 41 -7.76 0.07 7.49
C THR A 41 -6.64 1.06 7.17
N TRP A 42 -6.02 0.89 6.00
CA TRP A 42 -4.94 1.77 5.59
C TRP A 42 -4.95 1.99 4.09
N ARG A 43 -4.42 3.12 3.64
CA ARG A 43 -4.38 3.44 2.22
C ARG A 43 -3.02 4.02 1.84
N CYS A 44 -2.47 3.54 0.73
CA CYS A 44 -1.17 4.01 0.25
C CYS A 44 -1.06 5.52 0.36
N LYS A 45 0.15 6.03 0.22
CA LYS A 45 0.40 7.47 0.30
C LYS A 45 -0.27 8.21 -0.85
N VAL A 46 -0.59 7.46 -1.91
CA VAL A 46 -1.24 8.04 -3.09
C VAL A 46 -2.75 8.12 -2.90
N CYS A 47 -3.26 7.34 -1.97
CA CYS A 47 -4.70 7.33 -1.69
C CYS A 47 -5.01 8.14 -0.44
N ALA A 48 -4.29 7.87 0.63
CA ALA A 48 -4.49 8.58 1.89
C ALA A 48 -4.13 10.06 1.75
N LYS A 49 -3.38 10.38 0.70
CA LYS A 49 -2.96 11.76 0.45
C LYS A 49 -4.17 12.69 0.42
N GLU A 50 -3.90 13.99 0.34
CA GLU A 50 -4.97 14.99 0.30
C GLU A 50 -5.44 15.22 -1.12
N ILE A 51 -6.43 14.43 -1.54
CA ILE A 51 -6.97 14.56 -2.89
C ILE A 51 -8.21 13.67 -3.06
N GLU A 52 -9.17 14.16 -3.85
CA GLU A 52 -10.39 13.42 -4.09
C GLU A 52 -10.59 13.17 -5.59
N LEU A 53 -11.69 12.51 -5.93
CA LEU A 53 -12.00 12.20 -7.32
C LEU A 53 -10.93 11.29 -7.92
N SER A 1 4.96 -10.66 -12.08
CA SER A 1 4.24 -10.65 -10.81
C SER A 1 5.05 -11.35 -9.73
N ASP A 2 5.83 -10.58 -8.98
CA ASP A 2 6.65 -11.12 -7.90
C ASP A 2 6.23 -10.55 -6.56
N ARG A 3 5.31 -9.60 -6.58
CA ARG A 3 4.83 -8.97 -5.36
C ARG A 3 5.77 -7.86 -4.90
N THR A 4 5.74 -6.74 -5.61
CA THR A 4 6.60 -5.61 -5.29
C THR A 4 5.77 -4.37 -4.97
N CYS A 5 6.27 -3.54 -4.06
CA CYS A 5 5.58 -2.31 -3.67
C CYS A 5 5.26 -1.46 -4.89
N ALA A 6 4.13 -0.75 -4.83
CA ALA A 6 3.71 0.10 -5.93
C ALA A 6 4.24 1.53 -5.76
N ARG A 7 5.13 1.71 -4.78
CA ARG A 7 5.71 3.02 -4.51
C ARG A 7 7.23 2.94 -4.49
N CYS A 8 7.75 1.91 -3.82
CA CYS A 8 9.20 1.72 -3.71
C CYS A 8 9.67 0.66 -4.69
N GLN A 9 8.76 -0.22 -5.10
CA GLN A 9 9.09 -1.28 -6.04
C GLN A 9 10.05 -2.29 -5.40
N GLU A 10 9.95 -2.44 -4.10
CA GLU A 10 10.80 -3.38 -3.37
C GLU A 10 10.05 -4.65 -3.00
N SER A 11 10.73 -5.79 -3.11
CA SER A 11 10.12 -7.07 -2.80
C SER A 11 9.35 -7.00 -1.48
N LEU A 12 8.21 -7.69 -1.44
CA LEU A 12 7.37 -7.70 -0.25
C LEU A 12 7.78 -8.83 0.69
N GLY A 13 9.05 -9.23 0.61
CA GLY A 13 9.54 -10.30 1.46
C GLY A 13 9.36 -10.00 2.94
N ARG A 14 9.20 -11.05 3.73
CA ARG A 14 9.00 -10.90 5.16
C ARG A 14 8.09 -9.72 5.47
N LEU A 15 7.20 -9.40 4.53
CA LEU A 15 6.26 -8.29 4.69
C LEU A 15 4.83 -8.80 4.70
N SER A 16 4.64 -10.07 4.35
CA SER A 16 3.31 -10.66 4.31
C SER A 16 2.41 -9.91 3.34
N PRO A 17 2.64 -10.12 2.04
CA PRO A 17 1.85 -9.47 0.98
C PRO A 17 0.43 -10.00 0.91
N LYS A 18 0.10 -10.94 1.79
CA LYS A 18 -1.23 -11.53 1.83
C LYS A 18 -2.30 -10.45 1.95
N THR A 19 -2.03 -9.44 2.78
CA THR A 19 -2.97 -8.35 2.99
C THR A 19 -2.25 -7.00 3.00
N ASN A 20 -1.65 -6.66 1.87
CA ASN A 20 -0.92 -5.39 1.75
C ASN A 20 -1.27 -4.68 0.44
N THR A 21 -2.32 -5.17 -0.23
CA THR A 21 -2.75 -4.59 -1.49
C THR A 21 -3.77 -3.47 -1.27
N CYS A 22 -3.33 -2.23 -1.46
CA CYS A 22 -4.20 -1.08 -1.28
C CYS A 22 -5.57 -1.34 -1.88
N ARG A 23 -6.62 -1.02 -1.12
CA ARG A 23 -7.99 -1.21 -1.57
C ARG A 23 -8.46 -0.04 -2.43
N GLY A 24 -7.57 0.94 -2.60
CA GLY A 24 -7.91 2.10 -3.41
C GLY A 24 -7.44 1.97 -4.84
N CYS A 25 -6.21 1.47 -5.02
CA CYS A 25 -5.65 1.30 -6.35
C CYS A 25 -5.49 -0.18 -6.69
N ASN A 26 -5.51 -1.01 -5.66
CA ASN A 26 -5.37 -2.46 -5.85
C ASN A 26 -3.91 -2.83 -6.09
N HIS A 27 -3.00 -2.02 -5.56
CA HIS A 27 -1.57 -2.27 -5.71
C HIS A 27 -0.93 -2.58 -4.36
N LEU A 28 0.22 -3.24 -4.40
CA LEU A 28 0.94 -3.59 -3.17
C LEU A 28 1.61 -2.37 -2.56
N VAL A 29 1.75 -2.37 -1.24
CA VAL A 29 2.38 -1.26 -0.53
C VAL A 29 2.99 -1.73 0.78
N CYS A 30 4.30 -1.56 0.91
CA CYS A 30 5.02 -1.97 2.11
C CYS A 30 4.34 -1.38 3.36
N ARG A 31 4.93 -1.66 4.52
CA ARG A 31 4.39 -1.17 5.78
C ARG A 31 4.89 0.25 6.07
N ASP A 32 5.42 0.90 5.05
CA ASP A 32 5.94 2.26 5.20
C ASP A 32 5.25 3.21 4.23
N CYS A 33 4.57 2.65 3.24
CA CYS A 33 3.87 3.44 2.24
C CYS A 33 2.36 3.46 2.52
N ARG A 34 1.98 2.98 3.70
CA ARG A 34 0.58 2.94 4.09
C ARG A 34 0.24 4.11 5.02
N ILE A 35 -0.91 4.73 4.78
CA ILE A 35 -1.35 5.87 5.58
C ILE A 35 -2.53 5.48 6.47
N GLN A 36 -2.28 5.35 7.77
CA GLN A 36 -3.32 4.99 8.72
C GLN A 36 -4.54 5.89 8.54
N GLU A 37 -5.62 5.30 8.02
CA GLU A 37 -6.85 6.04 7.80
C GLU A 37 -7.62 6.23 9.11
N SER A 38 -7.07 5.69 10.19
CA SER A 38 -7.70 5.80 11.50
C SER A 38 -9.19 5.53 11.40
N ASN A 39 -9.55 4.25 11.23
CA ASN A 39 -10.95 3.85 11.13
C ASN A 39 -11.08 2.34 11.10
N GLY A 40 -10.09 1.68 10.50
CA GLY A 40 -10.11 0.23 10.41
C GLY A 40 -9.36 -0.29 9.20
N THR A 41 -9.08 0.61 8.25
CA THR A 41 -8.37 0.24 7.03
C THR A 41 -7.15 1.12 6.82
N TRP A 42 -6.66 1.15 5.59
CA TRP A 42 -5.49 1.96 5.26
C TRP A 42 -5.42 2.24 3.76
N ARG A 43 -4.68 3.26 3.38
CA ARG A 43 -4.53 3.63 1.97
C ARG A 43 -3.13 4.16 1.69
N CYS A 44 -2.52 3.67 0.62
CA CYS A 44 -1.18 4.09 0.24
C CYS A 44 -1.05 5.60 0.31
N LYS A 45 0.18 6.10 0.16
CA LYS A 45 0.44 7.53 0.20
C LYS A 45 -0.04 8.21 -1.08
N VAL A 46 -0.41 7.41 -2.07
CA VAL A 46 -0.89 7.93 -3.34
C VAL A 46 -2.41 8.07 -3.34
N CYS A 47 -3.07 7.33 -2.45
CA CYS A 47 -4.52 7.36 -2.34
C CYS A 47 -4.96 8.26 -1.19
N ALA A 48 -4.28 8.12 -0.05
CA ALA A 48 -4.59 8.92 1.13
C ALA A 48 -4.27 10.39 0.91
N LYS A 49 -3.33 10.65 0.00
CA LYS A 49 -2.91 12.01 -0.31
C LYS A 49 -4.11 12.86 -0.69
N GLU A 50 -4.83 12.45 -1.73
CA GLU A 50 -6.00 13.19 -2.19
C GLU A 50 -6.67 12.45 -3.36
N ILE A 51 -7.20 11.26 -3.09
CA ILE A 51 -7.86 10.47 -4.11
C ILE A 51 -8.82 11.33 -4.94
N GLU A 52 -9.35 12.38 -4.33
CA GLU A 52 -10.27 13.29 -5.01
C GLU A 52 -10.61 14.48 -4.13
N LEU A 53 -11.13 15.54 -4.75
CA LEU A 53 -11.50 16.75 -4.03
C LEU A 53 -12.97 16.72 -3.63
N SER A 1 4.57 -9.45 -10.49
CA SER A 1 4.52 -10.90 -10.48
C SER A 1 5.52 -11.48 -9.47
N ASP A 2 6.23 -10.58 -8.78
CA ASP A 2 7.21 -10.99 -7.79
C ASP A 2 6.86 -10.43 -6.41
N ARG A 3 5.86 -9.57 -6.37
CA ARG A 3 5.43 -8.94 -5.13
C ARG A 3 6.31 -7.74 -4.79
N THR A 4 6.20 -6.69 -5.60
CA THR A 4 6.98 -5.47 -5.40
C THR A 4 6.07 -4.30 -5.05
N CYS A 5 6.57 -3.41 -4.19
CA CYS A 5 5.81 -2.23 -3.79
C CYS A 5 5.41 -1.40 -5.00
N ALA A 6 4.21 -0.82 -4.93
CA ALA A 6 3.71 0.01 -6.03
C ALA A 6 4.18 1.46 -5.88
N ARG A 7 4.95 1.72 -4.84
CA ARG A 7 5.46 3.07 -4.59
C ARG A 7 6.99 3.06 -4.51
N CYS A 8 7.54 1.99 -3.97
CA CYS A 8 8.99 1.86 -3.84
C CYS A 8 9.55 0.92 -4.90
N GLN A 9 8.71 0.00 -5.37
CA GLN A 9 9.13 -0.97 -6.37
C GLN A 9 10.24 -1.88 -5.84
N GLU A 10 10.16 -2.21 -4.56
CA GLU A 10 11.15 -3.07 -3.93
C GLU A 10 10.54 -4.40 -3.50
N SER A 11 11.37 -5.42 -3.42
CA SER A 11 10.91 -6.76 -3.03
C SER A 11 10.13 -6.69 -1.72
N LEU A 12 9.04 -7.46 -1.64
CA LEU A 12 8.21 -7.49 -0.45
C LEU A 12 8.69 -8.58 0.51
N GLY A 13 9.15 -9.70 -0.04
CA GLY A 13 9.63 -10.79 0.78
C GLY A 13 8.72 -11.06 1.96
N ARG A 14 9.28 -11.05 3.17
CA ARG A 14 8.51 -11.31 4.37
C ARG A 14 7.76 -10.06 4.81
N LEU A 15 6.67 -9.76 4.11
CA LEU A 15 5.85 -8.60 4.43
C LEU A 15 4.39 -8.98 4.60
N SER A 16 3.97 -10.03 3.89
CA SER A 16 2.60 -10.50 3.97
C SER A 16 1.69 -9.68 3.06
N PRO A 17 1.70 -10.01 1.76
CA PRO A 17 0.88 -9.31 0.76
C PRO A 17 -0.60 -9.61 0.92
N LYS A 18 -0.93 -10.53 1.80
CA LYS A 18 -2.32 -10.91 2.06
C LYS A 18 -3.07 -9.77 2.73
N THR A 19 -2.34 -8.72 3.10
CA THR A 19 -2.94 -7.56 3.75
C THR A 19 -2.18 -6.28 3.42
N ASN A 20 -1.33 -6.36 2.39
CA ASN A 20 -0.54 -5.20 1.98
C ASN A 20 -0.94 -4.74 0.58
N THR A 21 -2.19 -5.02 0.22
CA THR A 21 -2.70 -4.63 -1.09
C THR A 21 -3.71 -3.49 -0.98
N CYS A 22 -3.27 -2.28 -1.33
CA CYS A 22 -4.14 -1.11 -1.27
C CYS A 22 -5.53 -1.44 -1.78
N ARG A 23 -6.55 -1.07 -1.01
CA ARG A 23 -7.93 -1.32 -1.39
C ARG A 23 -8.42 -0.27 -2.39
N GLY A 24 -7.65 0.80 -2.55
CA GLY A 24 -8.02 1.85 -3.47
C GLY A 24 -7.27 1.75 -4.79
N CYS A 25 -6.24 0.91 -4.82
CA CYS A 25 -5.44 0.73 -6.02
C CYS A 25 -5.33 -0.75 -6.39
N ASN A 26 -5.33 -1.61 -5.38
CA ASN A 26 -5.23 -3.05 -5.59
C ASN A 26 -3.77 -3.47 -5.82
N HIS A 27 -2.85 -2.61 -5.40
CA HIS A 27 -1.42 -2.90 -5.57
C HIS A 27 -0.75 -3.11 -4.22
N LEU A 28 0.43 -3.72 -4.22
CA LEU A 28 1.17 -3.99 -3.00
C LEU A 28 1.81 -2.70 -2.47
N VAL A 29 1.98 -2.64 -1.15
CA VAL A 29 2.58 -1.48 -0.51
C VAL A 29 3.23 -1.85 0.82
N CYS A 30 4.53 -1.65 0.90
CA CYS A 30 5.29 -1.97 2.11
C CYS A 30 4.61 -1.39 3.34
N ARG A 31 5.15 -1.69 4.52
CA ARG A 31 4.59 -1.20 5.77
C ARG A 31 5.09 0.21 6.06
N ASP A 32 5.56 0.90 5.03
CA ASP A 32 6.07 2.26 5.17
C ASP A 32 5.38 3.20 4.19
N CYS A 33 4.61 2.63 3.28
CA CYS A 33 3.90 3.43 2.28
C CYS A 33 2.40 3.42 2.54
N ARG A 34 2.02 2.93 3.71
CA ARG A 34 0.61 2.86 4.08
C ARG A 34 0.28 3.94 5.12
N ILE A 35 -0.87 4.58 4.95
CA ILE A 35 -1.29 5.63 5.86
C ILE A 35 -2.49 5.16 6.71
N GLN A 36 -2.22 4.87 7.98
CA GLN A 36 -3.26 4.42 8.89
C GLN A 36 -4.46 5.36 8.85
N GLU A 37 -5.63 4.80 8.54
CA GLU A 37 -6.85 5.60 8.47
C GLU A 37 -7.75 5.33 9.67
N SER A 38 -8.07 6.38 10.41
CA SER A 38 -8.92 6.26 11.59
C SER A 38 -10.09 5.30 11.33
N ASN A 39 -10.70 5.43 10.15
CA ASN A 39 -11.82 4.58 9.77
C ASN A 39 -11.60 3.14 10.26
N GLY A 40 -10.37 2.67 10.12
CA GLY A 40 -10.05 1.31 10.54
C GLY A 40 -9.18 0.58 9.54
N THR A 41 -9.02 1.17 8.36
CA THR A 41 -8.21 0.57 7.31
C THR A 41 -7.00 1.43 6.98
N TRP A 42 -6.43 1.20 5.80
CA TRP A 42 -5.26 1.97 5.37
C TRP A 42 -5.24 2.12 3.85
N ARG A 43 -4.58 3.16 3.37
CA ARG A 43 -4.49 3.41 1.94
C ARG A 43 -3.13 4.01 1.58
N CYS A 44 -2.51 3.46 0.54
CA CYS A 44 -1.20 3.94 0.09
C CYS A 44 -1.11 5.47 0.20
N LYS A 45 0.11 5.98 0.28
CA LYS A 45 0.34 7.41 0.38
C LYS A 45 -0.28 8.15 -0.81
N VAL A 46 -0.46 7.43 -1.91
CA VAL A 46 -1.04 8.01 -3.12
C VAL A 46 -2.55 8.08 -3.01
N CYS A 47 -3.13 7.28 -2.12
CA CYS A 47 -4.57 7.25 -1.92
C CYS A 47 -4.97 8.10 -0.71
N ALA A 48 -4.31 7.84 0.41
CA ALA A 48 -4.59 8.57 1.65
C ALA A 48 -4.26 10.06 1.48
N LYS A 49 -3.35 10.36 0.58
CA LYS A 49 -2.94 11.74 0.33
C LYS A 49 -3.35 12.19 -1.08
N GLU A 50 -4.10 13.28 -1.15
CA GLU A 50 -4.57 13.81 -2.42
C GLU A 50 -4.67 15.32 -2.38
N ILE A 51 -3.55 15.99 -2.61
CA ILE A 51 -3.52 17.45 -2.61
C ILE A 51 -4.24 18.03 -3.82
N GLU A 52 -5.02 19.09 -3.59
CA GLU A 52 -5.76 19.73 -4.67
C GLU A 52 -4.83 20.17 -5.79
N LEU A 53 -5.03 19.61 -6.98
CA LEU A 53 -4.21 19.94 -8.14
C LEU A 53 -2.73 19.80 -7.81
N SER A 1 4.58 -11.94 -11.58
CA SER A 1 4.67 -11.01 -10.46
C SER A 1 5.57 -11.57 -9.36
N ASP A 2 6.25 -10.68 -8.66
CA ASP A 2 7.16 -11.08 -7.58
C ASP A 2 6.72 -10.48 -6.25
N ARG A 3 5.72 -9.60 -6.30
CA ARG A 3 5.22 -8.95 -5.11
C ARG A 3 6.09 -7.76 -4.72
N THR A 4 6.09 -6.73 -5.55
CA THR A 4 6.90 -5.54 -5.30
C THR A 4 6.01 -4.34 -4.97
N CYS A 5 6.52 -3.45 -4.13
CA CYS A 5 5.78 -2.26 -3.73
C CYS A 5 5.38 -1.43 -4.96
N ALA A 6 4.23 -0.79 -4.89
CA ALA A 6 3.73 0.02 -6.00
C ALA A 6 4.23 1.47 -5.86
N ARG A 7 5.03 1.72 -4.84
CA ARG A 7 5.55 3.05 -4.60
C ARG A 7 7.08 3.04 -4.57
N CYS A 8 7.64 2.01 -3.96
CA CYS A 8 9.10 1.87 -3.86
C CYS A 8 9.62 0.87 -4.89
N GLN A 9 8.75 -0.05 -5.31
CA GLN A 9 9.12 -1.06 -6.30
C GLN A 9 10.18 -2.00 -5.72
N GLU A 10 10.13 -2.20 -4.41
CA GLU A 10 11.08 -3.09 -3.74
C GLU A 10 10.41 -4.40 -3.34
N SER A 11 11.21 -5.45 -3.23
CA SER A 11 10.69 -6.76 -2.85
C SER A 11 9.96 -6.69 -1.52
N LEU A 12 8.85 -7.42 -1.42
CA LEU A 12 8.05 -7.45 -0.20
C LEU A 12 8.56 -8.52 0.75
N GLY A 13 8.98 -9.64 0.21
CA GLY A 13 9.49 -10.73 1.03
C GLY A 13 8.53 -11.12 2.14
N ARG A 14 9.00 -11.03 3.38
CA ARG A 14 8.17 -11.38 4.53
C ARG A 14 7.35 -10.17 4.99
N LEU A 15 6.48 -9.68 4.11
CA LEU A 15 5.64 -8.53 4.43
C LEU A 15 4.17 -8.93 4.44
N SER A 16 3.84 -9.99 3.70
CA SER A 16 2.46 -10.47 3.63
C SER A 16 1.63 -9.62 2.67
N PRO A 17 1.76 -9.92 1.37
CA PRO A 17 1.04 -9.21 0.32
C PRO A 17 -0.45 -9.51 0.33
N LYS A 18 -0.85 -10.46 1.17
CA LYS A 18 -2.25 -10.84 1.28
C LYS A 18 -3.05 -9.77 2.00
N THR A 19 -2.36 -8.96 2.79
CA THR A 19 -3.02 -7.89 3.53
C THR A 19 -2.28 -6.56 3.35
N ASN A 20 -1.46 -6.49 2.30
CA ASN A 20 -0.70 -5.27 2.02
C ASN A 20 -1.15 -4.66 0.69
N THR A 21 -2.21 -5.21 0.11
CA THR A 21 -2.73 -4.72 -1.16
C THR A 21 -3.74 -3.60 -0.94
N CYS A 22 -3.27 -2.36 -1.08
CA CYS A 22 -4.13 -1.20 -0.89
C CYS A 22 -5.52 -1.45 -1.47
N ARG A 23 -6.54 -1.21 -0.65
CA ARG A 23 -7.92 -1.42 -1.07
C ARG A 23 -8.39 -0.27 -1.96
N GLY A 24 -7.46 0.61 -2.34
CA GLY A 24 -7.81 1.73 -3.18
C GLY A 24 -7.38 1.52 -4.62
N CYS A 25 -6.13 1.10 -4.82
CA CYS A 25 -5.60 0.87 -6.15
C CYS A 25 -5.46 -0.63 -6.43
N ASN A 26 -5.43 -1.41 -5.35
CA ASN A 26 -5.29 -2.86 -5.49
C ASN A 26 -3.85 -3.26 -5.79
N HIS A 27 -2.91 -2.50 -5.23
CA HIS A 27 -1.49 -2.77 -5.44
C HIS A 27 -0.77 -3.00 -4.11
N LEU A 28 0.41 -3.60 -4.18
CA LEU A 28 1.18 -3.88 -2.98
C LEU A 28 1.86 -2.62 -2.45
N VAL A 29 1.95 -2.50 -1.13
CA VAL A 29 2.58 -1.35 -0.50
C VAL A 29 3.22 -1.72 0.83
N CYS A 30 4.53 -1.56 0.91
CA CYS A 30 5.27 -1.88 2.13
C CYS A 30 4.59 -1.26 3.35
N ARG A 31 5.13 -1.56 4.53
CA ARG A 31 4.58 -1.04 5.77
C ARG A 31 5.08 0.37 6.05
N ASP A 32 5.57 1.04 5.00
CA ASP A 32 6.09 2.39 5.12
C ASP A 32 5.39 3.33 4.16
N CYS A 33 4.66 2.77 3.20
CA CYS A 33 3.95 3.56 2.21
C CYS A 33 2.45 3.59 2.52
N ARG A 34 2.08 3.08 3.69
CA ARG A 34 0.69 3.06 4.10
C ARG A 34 0.37 4.19 5.07
N ILE A 35 -0.77 4.83 4.88
CA ILE A 35 -1.18 5.94 5.73
C ILE A 35 -2.29 5.51 6.68
N GLN A 36 -1.95 5.32 7.95
CA GLN A 36 -2.91 4.90 8.96
C GLN A 36 -4.18 5.73 8.85
N GLU A 37 -5.29 5.06 8.51
CA GLU A 37 -6.58 5.74 8.37
C GLU A 37 -7.40 5.61 9.65
N SER A 38 -8.51 6.34 9.71
CA SER A 38 -9.38 6.31 10.88
C SER A 38 -10.56 5.37 10.66
N ASN A 39 -10.55 4.67 9.52
CA ASN A 39 -11.61 3.73 9.19
C ASN A 39 -11.22 2.30 9.56
N GLY A 40 -10.21 2.18 10.42
CA GLY A 40 -9.76 0.87 10.85
C GLY A 40 -8.93 0.17 9.79
N THR A 41 -8.53 0.91 8.76
CA THR A 41 -7.73 0.35 7.69
C THR A 41 -6.57 1.28 7.32
N TRP A 42 -6.02 1.09 6.13
CA TRP A 42 -4.91 1.91 5.66
C TRP A 42 -4.98 2.13 4.16
N ARG A 43 -4.35 3.20 3.69
CA ARG A 43 -4.34 3.51 2.26
C ARG A 43 -3.01 4.11 1.83
N CYS A 44 -2.43 3.56 0.77
CA CYS A 44 -1.15 4.04 0.27
C CYS A 44 -1.08 5.56 0.29
N LYS A 45 0.12 6.10 0.18
CA LYS A 45 0.32 7.55 0.19
C LYS A 45 -0.23 8.17 -1.10
N VAL A 46 -0.65 7.33 -2.03
CA VAL A 46 -1.20 7.80 -3.29
C VAL A 46 -2.73 7.83 -3.25
N CYS A 47 -3.31 7.10 -2.30
CA CYS A 47 -4.76 7.04 -2.16
C CYS A 47 -5.20 7.84 -0.94
N ALA A 48 -4.37 7.87 0.09
CA ALA A 48 -4.69 8.60 1.31
C ALA A 48 -4.42 10.10 1.14
N LYS A 49 -3.38 10.42 0.39
CA LYS A 49 -3.02 11.82 0.15
C LYS A 49 -2.89 12.09 -1.34
N GLU A 50 -3.67 13.05 -1.84
CA GLU A 50 -3.63 13.41 -3.26
C GLU A 50 -2.53 14.42 -3.53
N ILE A 51 -2.02 14.42 -4.76
CA ILE A 51 -0.96 15.34 -5.15
C ILE A 51 -0.94 15.53 -6.67
N GLU A 52 -0.51 16.72 -7.09
CA GLU A 52 -0.45 17.03 -8.52
C GLU A 52 -1.67 16.49 -9.25
N LEU A 53 -2.76 17.25 -9.21
CA LEU A 53 -3.99 16.84 -9.87
C LEU A 53 -4.39 15.42 -9.49
N SER A 1 4.37 -10.88 -12.02
CA SER A 1 4.18 -10.45 -10.64
C SER A 1 5.26 -11.06 -9.75
N ASP A 2 5.96 -10.21 -9.00
CA ASP A 2 7.01 -10.67 -8.10
C ASP A 2 6.76 -10.17 -6.68
N ARG A 3 5.74 -9.35 -6.51
CA ARG A 3 5.40 -8.80 -5.21
C ARG A 3 6.27 -7.60 -4.86
N THR A 4 6.12 -6.53 -5.63
CA THR A 4 6.90 -5.31 -5.41
C THR A 4 6.00 -4.16 -4.99
N CYS A 5 6.53 -3.29 -4.14
CA CYS A 5 5.79 -2.13 -3.65
C CYS A 5 5.31 -1.26 -4.80
N ALA A 6 4.17 -0.62 -4.63
CA ALA A 6 3.61 0.25 -5.66
C ALA A 6 4.12 1.67 -5.50
N ARG A 7 5.05 1.87 -4.58
CA ARG A 7 5.62 3.19 -4.33
C ARG A 7 7.14 3.14 -4.38
N CYS A 8 7.71 2.08 -3.82
CA CYS A 8 9.16 1.91 -3.79
C CYS A 8 9.62 0.92 -4.86
N GLN A 9 8.69 0.08 -5.32
CA GLN A 9 9.00 -0.91 -6.34
C GLN A 9 10.09 -1.85 -5.88
N GLU A 10 10.11 -2.13 -4.57
CA GLU A 10 11.11 -3.02 -3.99
C GLU A 10 10.47 -4.34 -3.54
N SER A 11 11.20 -5.43 -3.68
CA SER A 11 10.71 -6.74 -3.28
C SER A 11 9.95 -6.66 -1.97
N LEU A 12 8.90 -7.45 -1.84
CA LEU A 12 8.08 -7.47 -0.63
C LEU A 12 8.52 -8.61 0.29
N GLY A 13 9.01 -9.69 -0.29
CA GLY A 13 9.45 -10.83 0.49
C GLY A 13 8.60 -11.03 1.74
N ARG A 14 9.25 -10.97 2.89
CA ARG A 14 8.55 -11.15 4.17
C ARG A 14 7.70 -9.93 4.50
N LEU A 15 6.65 -9.73 3.70
CA LEU A 15 5.74 -8.60 3.90
C LEU A 15 4.32 -9.09 4.15
N SER A 16 3.94 -10.16 3.45
CA SER A 16 2.60 -10.72 3.60
C SER A 16 1.60 -9.97 2.73
N PRO A 17 1.57 -10.31 1.43
CA PRO A 17 0.67 -9.68 0.46
C PRO A 17 -0.78 -10.07 0.69
N LYS A 18 -1.02 -10.91 1.70
CA LYS A 18 -2.37 -11.36 2.02
C LYS A 18 -3.27 -10.18 2.38
N THR A 19 -2.69 -9.19 3.06
CA THR A 19 -3.43 -8.00 3.45
C THR A 19 -2.64 -6.74 3.18
N ASN A 20 -1.44 -6.90 2.62
CA ASN A 20 -0.58 -5.77 2.32
C ASN A 20 -0.90 -5.21 0.93
N THR A 21 -2.15 -5.32 0.53
CA THR A 21 -2.59 -4.83 -0.77
C THR A 21 -3.62 -3.71 -0.62
N CYS A 22 -3.18 -2.47 -0.80
CA CYS A 22 -4.06 -1.32 -0.69
C CYS A 22 -5.44 -1.64 -1.25
N ARG A 23 -6.47 -1.39 -0.45
CA ARG A 23 -7.84 -1.64 -0.87
C ARG A 23 -8.36 -0.52 -1.76
N GLY A 24 -7.45 0.36 -2.17
CA GLY A 24 -7.84 1.49 -3.02
C GLY A 24 -7.41 1.29 -4.46
N CYS A 25 -6.14 0.92 -4.65
CA CYS A 25 -5.61 0.71 -5.99
C CYS A 25 -5.43 -0.78 -6.28
N ASN A 26 -5.37 -1.57 -5.23
CA ASN A 26 -5.20 -3.01 -5.36
C ASN A 26 -3.75 -3.37 -5.63
N HIS A 27 -2.84 -2.58 -5.08
CA HIS A 27 -1.41 -2.81 -5.25
C HIS A 27 -0.72 -3.01 -3.91
N LEU A 28 0.46 -3.62 -3.94
CA LEU A 28 1.23 -3.88 -2.72
C LEU A 28 1.89 -2.59 -2.21
N VAL A 29 2.08 -2.52 -0.90
CA VAL A 29 2.70 -1.36 -0.28
C VAL A 29 3.36 -1.71 1.04
N CYS A 30 4.67 -1.52 1.11
CA CYS A 30 5.43 -1.83 2.31
C CYS A 30 4.74 -1.25 3.55
N ARG A 31 5.28 -1.56 4.73
CA ARG A 31 4.72 -1.07 5.98
C ARG A 31 5.19 0.36 6.27
N ASP A 32 5.71 1.02 5.24
CA ASP A 32 6.20 2.39 5.39
C ASP A 32 5.51 3.31 4.40
N CYS A 33 4.81 2.73 3.43
CA CYS A 33 4.11 3.50 2.41
C CYS A 33 2.61 3.49 2.66
N ARG A 34 2.22 3.05 3.85
CA ARG A 34 0.80 2.99 4.22
C ARG A 34 0.44 4.13 5.18
N ILE A 35 -0.73 4.73 4.96
CA ILE A 35 -1.19 5.83 5.79
C ILE A 35 -2.33 5.39 6.69
N GLN A 36 -2.11 5.46 8.00
CA GLN A 36 -3.14 5.06 8.97
C GLN A 36 -4.41 5.87 8.77
N GLU A 37 -5.45 5.21 8.29
CA GLU A 37 -6.74 5.86 8.05
C GLU A 37 -7.63 5.77 9.29
N SER A 38 -8.51 6.75 9.44
CA SER A 38 -9.42 6.78 10.58
C SER A 38 -10.72 6.05 10.26
N ASN A 39 -10.69 5.23 9.21
CA ASN A 39 -11.86 4.47 8.79
C ASN A 39 -11.76 3.02 9.25
N GLY A 40 -10.64 2.68 9.87
CA GLY A 40 -10.43 1.32 10.35
C GLY A 40 -9.53 0.50 9.44
N THR A 41 -8.82 1.19 8.54
CA THR A 41 -7.93 0.53 7.61
C THR A 41 -6.74 1.41 7.26
N TRP A 42 -6.11 1.12 6.13
CA TRP A 42 -4.96 1.91 5.68
C TRP A 42 -4.95 2.03 4.15
N ARG A 43 -4.33 3.10 3.66
CA ARG A 43 -4.25 3.34 2.23
C ARG A 43 -2.88 3.92 1.84
N CYS A 44 -2.35 3.47 0.71
CA CYS A 44 -1.06 3.93 0.24
C CYS A 44 -0.99 5.45 0.27
N LYS A 45 0.23 5.99 0.20
CA LYS A 45 0.44 7.43 0.22
C LYS A 45 -0.12 8.07 -1.04
N VAL A 46 -0.52 7.26 -2.00
CA VAL A 46 -1.07 7.74 -3.26
C VAL A 46 -2.59 7.77 -3.21
N CYS A 47 -3.17 7.03 -2.27
CA CYS A 47 -4.62 6.97 -2.12
C CYS A 47 -5.08 7.76 -0.89
N ALA A 48 -4.22 7.80 0.13
CA ALA A 48 -4.53 8.51 1.36
C ALA A 48 -4.23 10.00 1.21
N LYS A 49 -3.34 10.33 0.29
CA LYS A 49 -2.95 11.72 0.05
C LYS A 49 -4.18 12.63 0.11
N GLU A 50 -4.91 12.70 -0.99
CA GLU A 50 -6.10 13.53 -1.07
C GLU A 50 -6.99 13.12 -2.24
N ILE A 51 -7.80 12.10 -2.02
CA ILE A 51 -8.70 11.60 -3.06
C ILE A 51 -9.86 10.81 -2.46
N GLU A 52 -11.08 11.19 -2.80
CA GLU A 52 -12.26 10.51 -2.30
C GLU A 52 -13.06 9.89 -3.44
N LEU A 53 -13.51 8.66 -3.24
CA LEU A 53 -14.29 7.95 -4.25
C LEU A 53 -15.68 8.57 -4.39
N SER A 1 4.84 -9.35 -10.96
CA SER A 1 4.23 -10.57 -10.46
C SER A 1 5.16 -11.28 -9.48
N ASP A 2 6.02 -10.51 -8.83
CA ASP A 2 6.96 -11.06 -7.86
C ASP A 2 6.68 -10.51 -6.46
N ARG A 3 5.61 -9.73 -6.34
CA ARG A 3 5.24 -9.13 -5.06
C ARG A 3 6.13 -7.94 -4.74
N THR A 4 6.03 -6.89 -5.56
CA THR A 4 6.82 -5.69 -5.37
C THR A 4 5.93 -4.49 -5.06
N CYS A 5 6.46 -3.55 -4.27
CA CYS A 5 5.71 -2.36 -3.90
C CYS A 5 5.33 -1.55 -5.14
N ALA A 6 4.17 -0.91 -5.09
CA ALA A 6 3.69 -0.10 -6.20
C ALA A 6 4.14 1.35 -6.06
N ARG A 7 4.89 1.63 -4.99
CA ARG A 7 5.39 2.98 -4.74
C ARG A 7 6.91 2.98 -4.67
N CYS A 8 7.48 1.92 -4.12
CA CYS A 8 8.93 1.80 -3.99
C CYS A 8 9.49 0.82 -5.01
N GLN A 9 8.64 -0.08 -5.49
CA GLN A 9 9.06 -1.07 -6.47
C GLN A 9 10.13 -2.00 -5.90
N GLU A 10 10.06 -2.23 -4.58
CA GLU A 10 11.03 -3.09 -3.91
C GLU A 10 10.40 -4.45 -3.56
N SER A 11 11.24 -5.43 -3.30
CA SER A 11 10.77 -6.76 -2.95
C SER A 11 9.97 -6.74 -1.66
N LEU A 12 8.88 -7.51 -1.62
CA LEU A 12 8.03 -7.57 -0.44
C LEU A 12 8.50 -8.66 0.51
N GLY A 13 9.81 -8.89 0.54
CA GLY A 13 10.37 -9.90 1.41
C GLY A 13 9.71 -9.91 2.77
N ARG A 14 9.17 -11.06 3.17
CA ARG A 14 8.51 -11.19 4.47
C ARG A 14 7.79 -9.90 4.84
N LEU A 15 6.74 -9.58 4.09
CA LEU A 15 5.97 -8.37 4.35
C LEU A 15 4.49 -8.70 4.54
N SER A 16 4.05 -9.81 3.95
CA SER A 16 2.66 -10.24 4.06
C SER A 16 1.79 -9.50 3.05
N PRO A 17 1.83 -9.95 1.79
CA PRO A 17 1.05 -9.35 0.70
C PRO A 17 -0.45 -9.63 0.85
N LYS A 18 -0.81 -10.38 1.88
CA LYS A 18 -2.20 -10.71 2.13
C LYS A 18 -2.95 -9.52 2.71
N THR A 19 -2.21 -8.54 3.22
CA THR A 19 -2.81 -7.35 3.80
C THR A 19 -2.05 -6.10 3.39
N ASN A 20 -1.27 -6.20 2.31
CA ASN A 20 -0.49 -5.08 1.81
C ASN A 20 -1.01 -4.62 0.45
N THR A 21 -2.23 -5.01 0.13
CA THR A 21 -2.84 -4.63 -1.15
C THR A 21 -3.81 -3.47 -0.97
N CYS A 22 -3.32 -2.25 -1.23
CA CYS A 22 -4.14 -1.05 -1.11
C CYS A 22 -5.56 -1.32 -1.61
N ARG A 23 -6.54 -1.05 -0.76
CA ARG A 23 -7.94 -1.26 -1.11
C ARG A 23 -8.45 -0.12 -2.00
N GLY A 24 -7.55 0.80 -2.34
CA GLY A 24 -7.92 1.92 -3.19
C GLY A 24 -7.21 1.90 -4.53
N CYS A 25 -6.20 1.05 -4.64
CA CYS A 25 -5.42 0.94 -5.87
C CYS A 25 -5.38 -0.50 -6.36
N ASN A 26 -5.46 -1.45 -5.43
CA ASN A 26 -5.44 -2.87 -5.77
C ASN A 26 -4.01 -3.34 -5.99
N HIS A 27 -3.04 -2.53 -5.58
CA HIS A 27 -1.63 -2.87 -5.74
C HIS A 27 -0.97 -3.09 -4.38
N LEU A 28 0.20 -3.69 -4.39
CA LEU A 28 0.94 -3.97 -3.15
C LEU A 28 1.60 -2.70 -2.63
N VAL A 29 1.83 -2.66 -1.32
CA VAL A 29 2.46 -1.51 -0.68
C VAL A 29 3.12 -1.90 0.64
N CYS A 30 4.43 -1.73 0.71
CA CYS A 30 5.17 -2.06 1.92
C CYS A 30 4.52 -1.46 3.15
N ARG A 31 5.03 -1.81 4.33
CA ARG A 31 4.49 -1.31 5.58
C ARG A 31 5.00 0.10 5.87
N ASP A 32 5.65 0.71 4.87
CA ASP A 32 6.19 2.05 5.01
C ASP A 32 5.44 3.04 4.11
N CYS A 33 4.67 2.50 3.17
CA CYS A 33 3.91 3.32 2.24
C CYS A 33 2.43 3.33 2.61
N ARG A 34 2.10 2.67 3.72
CA ARG A 34 0.73 2.61 4.19
C ARG A 34 0.45 3.70 5.22
N ILE A 35 -0.67 4.39 5.05
CA ILE A 35 -1.05 5.46 5.96
C ILE A 35 -2.29 5.07 6.78
N GLN A 36 -2.08 4.81 8.06
CA GLN A 36 -3.17 4.43 8.96
C GLN A 36 -4.35 5.39 8.80
N GLU A 37 -5.49 4.86 8.38
CA GLU A 37 -6.69 5.67 8.20
C GLU A 37 -7.57 5.61 9.44
N SER A 38 -8.52 6.55 9.52
CA SER A 38 -9.43 6.61 10.66
C SER A 38 -10.73 5.86 10.36
N ASN A 39 -10.67 4.95 9.39
CA ASN A 39 -11.84 4.17 9.00
C ASN A 39 -11.66 2.70 9.39
N GLY A 40 -10.54 2.40 10.03
CA GLY A 40 -10.26 1.04 10.46
C GLY A 40 -9.35 0.30 9.50
N THR A 41 -9.09 0.92 8.34
CA THR A 41 -8.23 0.31 7.33
C THR A 41 -7.00 1.18 7.07
N TRP A 42 -6.37 0.98 5.92
CA TRP A 42 -5.19 1.74 5.55
C TRP A 42 -5.14 1.97 4.05
N ARG A 43 -4.45 3.02 3.63
CA ARG A 43 -4.32 3.36 2.22
C ARG A 43 -2.94 3.91 1.91
N CYS A 44 -2.37 3.47 0.79
CA CYS A 44 -1.05 3.91 0.38
C CYS A 44 -0.88 5.42 0.60
N LYS A 45 0.36 5.88 0.57
CA LYS A 45 0.66 7.30 0.78
C LYS A 45 0.06 8.13 -0.35
N VAL A 46 -0.31 7.47 -1.45
CA VAL A 46 -0.89 8.14 -2.60
C VAL A 46 -2.41 8.21 -2.48
N CYS A 47 -2.97 7.37 -1.63
CA CYS A 47 -4.42 7.33 -1.44
C CYS A 47 -4.82 8.13 -0.19
N ALA A 48 -4.08 7.93 0.89
CA ALA A 48 -4.35 8.62 2.14
C ALA A 48 -4.13 10.13 2.00
N LYS A 49 -3.30 10.50 1.03
CA LYS A 49 -3.00 11.91 0.77
C LYS A 49 -3.86 12.46 -0.36
N GLU A 50 -5.18 12.28 -0.24
CA GLU A 50 -6.11 12.76 -1.25
C GLU A 50 -7.56 12.53 -0.81
N ILE A 51 -8.39 13.55 -1.01
CA ILE A 51 -9.80 13.47 -0.64
C ILE A 51 -10.67 14.23 -1.62
N GLU A 52 -10.12 14.52 -2.80
CA GLU A 52 -10.86 15.25 -3.83
C GLU A 52 -11.07 14.37 -5.06
N LEU A 53 -11.62 13.18 -4.85
CA LEU A 53 -11.89 12.26 -5.93
C LEU A 53 -13.38 11.96 -6.07
N SER A 1 5.03 -10.33 -11.87
CA SER A 1 4.35 -10.48 -10.58
C SER A 1 5.25 -11.14 -9.55
N ASP A 2 6.10 -10.33 -8.93
CA ASP A 2 7.03 -10.84 -7.92
C ASP A 2 6.66 -10.30 -6.53
N ARG A 3 5.61 -9.50 -6.47
CA ARG A 3 5.16 -8.91 -5.21
C ARG A 3 6.04 -7.74 -4.82
N THR A 4 6.02 -6.69 -5.63
CA THR A 4 6.81 -5.49 -5.37
C THR A 4 5.93 -4.30 -5.02
N CYS A 5 6.46 -3.40 -4.19
CA CYS A 5 5.71 -2.22 -3.78
C CYS A 5 5.30 -1.39 -4.99
N ALA A 6 4.10 -0.81 -4.92
CA ALA A 6 3.59 0.02 -6.01
C ALA A 6 4.06 1.46 -5.86
N ARG A 7 4.97 1.70 -4.91
CA ARG A 7 5.49 3.04 -4.68
C ARG A 7 7.01 3.03 -4.61
N CYS A 8 7.55 1.93 -4.07
CA CYS A 8 9.01 1.80 -3.94
C CYS A 8 9.56 0.81 -4.97
N GLN A 9 8.70 -0.11 -5.42
CA GLN A 9 9.10 -1.11 -6.40
C GLN A 9 10.15 -2.05 -5.83
N GLU A 10 10.12 -2.24 -4.51
CA GLU A 10 11.06 -3.12 -3.85
C GLU A 10 10.39 -4.41 -3.38
N SER A 11 11.12 -5.51 -3.46
CA SER A 11 10.58 -6.81 -3.06
C SER A 11 9.97 -6.73 -1.67
N LEU A 12 8.80 -7.35 -1.52
CA LEU A 12 8.09 -7.36 -0.24
C LEU A 12 8.68 -8.40 0.70
N GLY A 13 9.10 -9.53 0.13
CA GLY A 13 9.67 -10.60 0.94
C GLY A 13 8.70 -11.13 1.98
N ARG A 14 8.98 -10.83 3.24
CA ARG A 14 8.13 -11.29 4.33
C ARG A 14 7.32 -10.12 4.91
N LEU A 15 6.53 -9.49 4.07
CA LEU A 15 5.71 -8.35 4.49
C LEU A 15 4.25 -8.75 4.58
N SER A 16 3.88 -9.81 3.88
CA SER A 16 2.51 -10.30 3.88
C SER A 16 1.65 -9.52 2.89
N PRO A 17 1.75 -9.86 1.60
CA PRO A 17 1.00 -9.19 0.54
C PRO A 17 -0.50 -9.51 0.60
N LYS A 18 -0.87 -10.38 1.53
CA LYS A 18 -2.26 -10.78 1.70
C LYS A 18 -3.08 -9.64 2.31
N THR A 19 -2.42 -8.82 3.12
CA THR A 19 -3.09 -7.69 3.77
C THR A 19 -2.38 -6.38 3.46
N ASN A 20 -1.40 -6.44 2.56
CA ASN A 20 -0.64 -5.26 2.18
C ASN A 20 -1.01 -4.81 0.77
N THR A 21 -2.26 -5.06 0.38
CA THR A 21 -2.74 -4.68 -0.95
C THR A 21 -3.73 -3.52 -0.86
N CYS A 22 -3.24 -2.31 -1.11
CA CYS A 22 -4.07 -1.12 -1.06
C CYS A 22 -5.47 -1.42 -1.58
N ARG A 23 -6.48 -1.11 -0.78
CA ARG A 23 -7.87 -1.35 -1.16
C ARG A 23 -8.35 -0.28 -2.13
N GLY A 24 -7.49 0.70 -2.41
CA GLY A 24 -7.85 1.77 -3.31
C GLY A 24 -7.12 1.69 -4.63
N CYS A 25 -6.09 0.83 -4.69
CA CYS A 25 -5.30 0.66 -5.90
C CYS A 25 -5.23 -0.81 -6.30
N ASN A 26 -5.23 -1.68 -5.29
CA ASN A 26 -5.16 -3.13 -5.54
C ASN A 26 -3.72 -3.57 -5.80
N HIS A 27 -2.77 -2.77 -5.32
CA HIS A 27 -1.37 -3.08 -5.49
C HIS A 27 -0.68 -3.26 -4.14
N LEU A 28 0.52 -3.84 -4.17
CA LEU A 28 1.28 -4.07 -2.94
C LEU A 28 1.92 -2.77 -2.45
N VAL A 29 1.97 -2.61 -1.13
CA VAL A 29 2.55 -1.42 -0.53
C VAL A 29 3.20 -1.73 0.81
N CYS A 30 4.52 -1.58 0.87
CA CYS A 30 5.26 -1.85 2.09
C CYS A 30 4.59 -1.20 3.30
N ARG A 31 5.11 -1.48 4.49
CA ARG A 31 4.56 -0.93 5.71
C ARG A 31 5.04 0.50 5.93
N ASP A 32 5.73 1.04 4.93
CA ASP A 32 6.24 2.40 5.01
C ASP A 32 5.50 3.32 4.03
N CYS A 33 4.72 2.71 3.14
CA CYS A 33 3.96 3.48 2.16
C CYS A 33 2.47 3.50 2.52
N ARG A 34 2.14 2.96 3.68
CA ARG A 34 0.77 2.92 4.15
C ARG A 34 0.48 4.05 5.13
N ILE A 35 -0.72 4.61 5.05
CA ILE A 35 -1.12 5.71 5.93
C ILE A 35 -2.35 5.33 6.74
N GLN A 36 -2.14 5.03 8.03
CA GLN A 36 -3.24 4.66 8.91
C GLN A 36 -4.45 5.56 8.68
N GLU A 37 -5.54 4.98 8.20
CA GLU A 37 -6.76 5.73 7.94
C GLU A 37 -7.72 5.65 9.14
N SER A 38 -8.45 6.73 9.37
CA SER A 38 -9.40 6.78 10.49
C SER A 38 -10.67 6.02 10.14
N ASN A 39 -10.65 4.71 10.36
CA ASN A 39 -11.81 3.87 10.07
C ASN A 39 -11.53 2.42 10.45
N GLY A 40 -10.28 2.00 10.30
CA GLY A 40 -9.90 0.64 10.62
C GLY A 40 -9.08 -0.01 9.53
N THR A 41 -8.88 0.71 8.43
CA THR A 41 -8.10 0.20 7.31
C THR A 41 -6.87 1.05 7.06
N TRP A 42 -6.37 1.01 5.83
CA TRP A 42 -5.19 1.78 5.46
C TRP A 42 -5.13 2.01 3.95
N ARG A 43 -4.45 3.07 3.54
CA ARG A 43 -4.33 3.40 2.12
C ARG A 43 -2.93 3.94 1.81
N CYS A 44 -2.38 3.52 0.68
CA CYS A 44 -1.06 3.96 0.26
C CYS A 44 -0.93 5.47 0.38
N LYS A 45 0.31 5.96 0.42
CA LYS A 45 0.57 7.39 0.53
C LYS A 45 -0.01 8.14 -0.66
N VAL A 46 -0.27 7.42 -1.75
CA VAL A 46 -0.85 8.01 -2.95
C VAL A 46 -2.37 8.11 -2.85
N CYS A 47 -2.95 7.29 -1.97
CA CYS A 47 -4.39 7.28 -1.76
C CYS A 47 -4.79 8.16 -0.58
N ALA A 48 -4.09 7.98 0.53
CA ALA A 48 -4.36 8.76 1.73
C ALA A 48 -4.02 10.24 1.53
N LYS A 49 -3.26 10.52 0.48
CA LYS A 49 -2.86 11.89 0.17
C LYS A 49 -3.50 12.36 -1.15
N GLU A 50 -3.31 11.56 -2.19
CA GLU A 50 -3.86 11.90 -3.51
C GLU A 50 -3.29 13.22 -4.02
N ILE A 51 -2.10 13.15 -4.59
CA ILE A 51 -1.43 14.34 -5.13
C ILE A 51 -1.34 14.27 -6.65
N GLU A 52 -1.89 13.22 -7.23
CA GLU A 52 -1.86 13.04 -8.68
C GLU A 52 -3.28 12.88 -9.23
N LEU A 53 -4.23 12.64 -8.33
CA LEU A 53 -5.63 12.45 -8.73
C LEU A 53 -6.52 13.51 -8.08
N SER A 1 5.41 -9.29 -11.05
CA SER A 1 4.65 -10.46 -10.59
C SER A 1 5.41 -11.20 -9.50
N ASP A 2 6.26 -10.49 -8.78
CA ASP A 2 7.05 -11.09 -7.72
C ASP A 2 6.64 -10.53 -6.36
N ARG A 3 5.65 -9.64 -6.36
CA ARG A 3 5.17 -9.02 -5.13
C ARG A 3 6.06 -7.85 -4.72
N THR A 4 6.11 -6.84 -5.58
CA THR A 4 6.93 -5.66 -5.30
C THR A 4 6.06 -4.43 -5.05
N CYS A 5 6.45 -3.61 -4.09
CA CYS A 5 5.70 -2.41 -3.75
C CYS A 5 5.33 -1.63 -5.02
N ALA A 6 4.17 -0.98 -4.98
CA ALA A 6 3.70 -0.20 -6.11
C ALA A 6 4.10 1.26 -5.98
N ARG A 7 4.96 1.55 -5.01
CA ARG A 7 5.42 2.91 -4.77
C ARG A 7 6.94 2.97 -4.67
N CYS A 8 7.52 1.92 -4.11
CA CYS A 8 8.97 1.85 -3.96
C CYS A 8 9.58 0.84 -4.95
N GLN A 9 8.79 -0.16 -5.31
CA GLN A 9 9.24 -1.17 -6.26
C GLN A 9 10.25 -2.11 -5.60
N GLU A 10 10.08 -2.33 -4.29
CA GLU A 10 10.97 -3.20 -3.54
C GLU A 10 10.30 -4.53 -3.24
N SER A 11 11.11 -5.55 -2.93
CA SER A 11 10.57 -6.87 -2.63
C SER A 11 9.78 -6.86 -1.33
N LEU A 12 8.66 -7.56 -1.31
CA LEU A 12 7.80 -7.63 -0.14
C LEU A 12 8.21 -8.79 0.77
N GLY A 13 9.45 -9.25 0.61
CA GLY A 13 9.94 -10.35 1.42
C GLY A 13 9.49 -10.25 2.86
N ARG A 14 9.21 -11.39 3.48
CA ARG A 14 8.78 -11.43 4.87
C ARG A 14 7.92 -10.21 5.20
N LEU A 15 6.87 -10.00 4.41
CA LEU A 15 5.97 -8.87 4.62
C LEU A 15 4.52 -9.30 4.51
N SER A 16 4.25 -10.24 3.61
CA SER A 16 2.89 -10.74 3.41
C SER A 16 2.10 -9.81 2.49
N PRO A 17 2.32 -9.95 1.17
CA PRO A 17 1.63 -9.14 0.16
C PRO A 17 0.15 -9.48 0.05
N LYS A 18 -0.31 -10.40 0.90
CA LYS A 18 -1.70 -10.81 0.90
C LYS A 18 -2.58 -9.75 1.56
N THR A 19 -2.13 -9.23 2.70
CA THR A 19 -2.87 -8.21 3.43
C THR A 19 -2.19 -6.85 3.33
N ASN A 20 -1.43 -6.65 2.25
CA ASN A 20 -0.73 -5.40 2.03
C ASN A 20 -1.17 -4.74 0.73
N THR A 21 -2.31 -5.19 0.20
CA THR A 21 -2.83 -4.64 -1.04
C THR A 21 -3.83 -3.52 -0.76
N CYS A 22 -3.40 -2.28 -1.00
CA CYS A 22 -4.25 -1.12 -0.79
C CYS A 22 -5.66 -1.36 -1.33
N ARG A 23 -6.66 -1.09 -0.50
CA ARG A 23 -8.05 -1.28 -0.91
C ARG A 23 -8.54 -0.09 -1.74
N GLY A 24 -7.61 0.74 -2.19
CA GLY A 24 -7.96 1.89 -2.99
C GLY A 24 -7.53 1.76 -4.43
N CYS A 25 -6.30 1.31 -4.64
CA CYS A 25 -5.77 1.13 -5.99
C CYS A 25 -5.68 -0.34 -6.35
N ASN A 26 -5.56 -1.19 -5.33
CA ASN A 26 -5.46 -2.64 -5.54
C ASN A 26 -4.02 -3.03 -5.87
N HIS A 27 -3.07 -2.25 -5.36
CA HIS A 27 -1.66 -2.53 -5.59
C HIS A 27 -0.93 -2.80 -4.27
N LEU A 28 0.24 -3.43 -4.36
CA LEU A 28 1.02 -3.76 -3.18
C LEU A 28 1.69 -2.50 -2.61
N VAL A 29 1.82 -2.46 -1.28
CA VAL A 29 2.44 -1.32 -0.62
C VAL A 29 3.10 -1.75 0.69
N CYS A 30 4.42 -1.57 0.77
CA CYS A 30 5.17 -1.93 1.96
C CYS A 30 4.49 -1.38 3.21
N ARG A 31 5.07 -1.69 4.38
CA ARG A 31 4.53 -1.22 5.65
C ARG A 31 5.00 0.19 5.96
N ASP A 32 5.48 0.89 4.93
CA ASP A 32 5.95 2.26 5.10
C ASP A 32 5.25 3.20 4.12
N CYS A 33 4.55 2.62 3.15
CA CYS A 33 3.83 3.40 2.16
C CYS A 33 2.35 3.51 2.50
N ARG A 34 1.97 2.88 3.61
CA ARG A 34 0.58 2.90 4.06
C ARG A 34 0.34 4.05 5.03
N ILE A 35 -0.80 4.71 4.90
CA ILE A 35 -1.15 5.83 5.76
C ILE A 35 -2.26 5.45 6.72
N GLN A 36 -1.90 5.17 7.97
CA GLN A 36 -2.87 4.79 8.99
C GLN A 36 -4.12 5.68 8.91
N GLU A 37 -5.20 5.12 8.38
CA GLU A 37 -6.45 5.86 8.24
C GLU A 37 -7.24 5.82 9.54
N SER A 38 -8.40 6.48 9.55
CA SER A 38 -9.26 6.51 10.72
C SER A 38 -10.53 5.71 10.49
N ASN A 39 -10.57 4.97 9.38
CA ASN A 39 -11.72 4.15 9.06
C ASN A 39 -11.52 2.70 9.50
N GLY A 40 -10.39 2.46 10.16
CA GLY A 40 -10.09 1.12 10.63
C GLY A 40 -9.16 0.37 9.69
N THR A 41 -8.87 0.98 8.55
CA THR A 41 -8.00 0.36 7.56
C THR A 41 -6.80 1.24 7.24
N TRP A 42 -6.18 1.03 6.09
CA TRP A 42 -5.02 1.82 5.68
C TRP A 42 -5.06 2.09 4.18
N ARG A 43 -4.46 3.20 3.78
CA ARG A 43 -4.41 3.58 2.37
C ARG A 43 -3.04 4.13 1.99
N CYS A 44 -2.50 3.64 0.87
CA CYS A 44 -1.20 4.08 0.40
C CYS A 44 -1.08 5.61 0.46
N LYS A 45 0.14 6.10 0.30
CA LYS A 45 0.40 7.54 0.33
C LYS A 45 -0.15 8.21 -0.92
N VAL A 46 -0.63 7.41 -1.87
CA VAL A 46 -1.19 7.94 -3.11
C VAL A 46 -2.71 7.99 -3.05
N CYS A 47 -3.29 7.24 -2.12
CA CYS A 47 -4.73 7.20 -1.95
C CYS A 47 -5.17 8.07 -0.77
N ALA A 48 -4.35 8.08 0.27
CA ALA A 48 -4.65 8.87 1.45
C ALA A 48 -4.46 10.36 1.19
N LYS A 49 -3.51 10.68 0.34
CA LYS A 49 -3.22 12.07 0.00
C LYS A 49 -4.36 12.68 -0.83
N GLU A 50 -5.04 11.84 -1.59
CA GLU A 50 -6.15 12.29 -2.42
C GLU A 50 -5.65 13.02 -3.66
N ILE A 51 -6.11 12.59 -4.83
CA ILE A 51 -5.71 13.20 -6.09
C ILE A 51 -5.69 14.72 -5.98
N GLU A 52 -6.87 15.32 -6.02
CA GLU A 52 -6.99 16.78 -5.92
C GLU A 52 -8.35 17.18 -5.35
N LEU A 53 -9.40 16.46 -5.77
CA LEU A 53 -10.75 16.74 -5.30
C LEU A 53 -11.54 15.44 -5.13
N SER A 1 5.01 -9.07 -10.75
CA SER A 1 4.71 -10.50 -10.70
C SER A 1 5.58 -11.19 -9.65
N ASP A 2 6.43 -10.41 -8.98
CA ASP A 2 7.31 -10.94 -7.96
C ASP A 2 6.90 -10.46 -6.57
N ARG A 3 5.90 -9.58 -6.54
CA ARG A 3 5.41 -9.04 -5.28
C ARG A 3 6.28 -7.86 -4.82
N THR A 4 6.18 -6.75 -5.55
CA THR A 4 6.95 -5.56 -5.22
C THR A 4 6.04 -4.36 -4.96
N CYS A 5 6.44 -3.51 -4.03
CA CYS A 5 5.66 -2.32 -3.69
C CYS A 5 5.21 -1.59 -4.96
N ALA A 6 4.08 -0.88 -4.85
CA ALA A 6 3.55 -0.14 -5.98
C ALA A 6 3.87 1.35 -5.85
N ARG A 7 4.67 1.70 -4.85
CA ARG A 7 5.05 3.09 -4.62
C ARG A 7 6.55 3.25 -4.62
N CYS A 8 7.26 2.26 -4.06
CA CYS A 8 8.71 2.29 -4.01
C CYS A 8 9.32 1.14 -4.80
N GLN A 9 8.48 0.18 -5.16
CA GLN A 9 8.93 -0.98 -5.93
C GLN A 9 10.00 -1.75 -5.17
N GLU A 10 9.65 -2.20 -3.97
CA GLU A 10 10.59 -2.95 -3.13
C GLU A 10 10.09 -4.37 -2.90
N SER A 11 11.00 -5.29 -2.62
CA SER A 11 10.66 -6.68 -2.38
C SER A 11 9.71 -6.81 -1.19
N LEU A 12 8.66 -7.60 -1.37
CA LEU A 12 7.67 -7.80 -0.31
C LEU A 12 8.01 -9.04 0.52
N GLY A 13 9.25 -9.52 0.38
CA GLY A 13 9.67 -10.69 1.12
C GLY A 13 9.29 -10.62 2.58
N ARG A 14 8.79 -11.74 3.11
CA ARG A 14 8.39 -11.80 4.51
C ARG A 14 7.80 -10.46 4.97
N LEU A 15 6.89 -9.92 4.17
CA LEU A 15 6.25 -8.65 4.48
C LEU A 15 4.73 -8.79 4.47
N SER A 16 4.24 -9.91 3.95
CA SER A 16 2.81 -10.17 3.88
C SER A 16 2.19 -9.45 2.69
N PRO A 17 2.41 -10.00 1.48
CA PRO A 17 1.89 -9.43 0.24
C PRO A 17 0.36 -9.55 0.14
N LYS A 18 -0.24 -10.19 1.13
CA LYS A 18 -1.68 -10.38 1.15
C LYS A 18 -2.38 -9.18 1.79
N THR A 19 -1.99 -8.86 3.02
CA THR A 19 -2.58 -7.73 3.74
C THR A 19 -1.96 -6.41 3.29
N ASN A 20 -0.96 -6.50 2.42
CA ASN A 20 -0.28 -5.31 1.91
C ASN A 20 -0.87 -4.88 0.57
N THR A 21 -2.20 -4.93 0.46
CA THR A 21 -2.88 -4.55 -0.76
C THR A 21 -3.82 -3.38 -0.53
N CYS A 22 -3.42 -2.20 -0.99
CA CYS A 22 -4.23 -1.00 -0.83
C CYS A 22 -5.70 -1.28 -1.15
N ARG A 23 -6.58 -0.89 -0.24
CA ARG A 23 -8.01 -1.11 -0.42
C ARG A 23 -8.61 -0.02 -1.29
N GLY A 24 -7.74 0.76 -1.95
CA GLY A 24 -8.22 1.83 -2.81
C GLY A 24 -7.58 1.79 -4.19
N CYS A 25 -6.55 0.97 -4.33
CA CYS A 25 -5.85 0.83 -5.60
C CYS A 25 -5.79 -0.63 -6.04
N ASN A 26 -5.69 -1.53 -5.06
CA ASN A 26 -5.62 -2.95 -5.34
C ASN A 26 -4.20 -3.37 -5.68
N HIS A 27 -3.24 -2.51 -5.35
CA HIS A 27 -1.84 -2.78 -5.62
C HIS A 27 -1.08 -3.12 -4.34
N LEU A 28 0.15 -3.56 -4.47
CA LEU A 28 0.98 -3.91 -3.32
C LEU A 28 1.65 -2.67 -2.73
N VAL A 29 1.79 -2.65 -1.40
CA VAL A 29 2.42 -1.53 -0.73
C VAL A 29 3.03 -1.97 0.60
N CYS A 30 4.36 -1.91 0.68
CA CYS A 30 5.08 -2.30 1.89
C CYS A 30 4.45 -1.65 3.12
N ARG A 31 4.99 -1.98 4.29
CA ARG A 31 4.49 -1.44 5.54
C ARG A 31 5.10 -0.07 5.82
N ASP A 32 5.59 0.59 4.77
CA ASP A 32 6.20 1.90 4.90
C ASP A 32 5.54 2.90 3.96
N CYS A 33 4.73 2.40 3.04
CA CYS A 33 4.04 3.25 2.08
C CYS A 33 2.54 3.31 2.38
N ARG A 34 2.17 2.88 3.59
CA ARG A 34 0.77 2.87 4.00
C ARG A 34 0.50 3.98 5.02
N ILE A 35 -0.68 4.59 4.90
CA ILE A 35 -1.05 5.67 5.82
C ILE A 35 -2.28 5.28 6.63
N GLN A 36 -2.05 4.84 7.87
CA GLN A 36 -3.14 4.43 8.76
C GLN A 36 -4.33 5.37 8.60
N GLU A 37 -5.43 4.84 8.05
CA GLU A 37 -6.64 5.62 7.86
C GLU A 37 -7.59 5.49 9.05
N SER A 38 -8.43 6.50 9.24
CA SER A 38 -9.38 6.49 10.35
C SER A 38 -10.57 5.59 10.03
N ASN A 39 -10.64 5.11 8.80
CA ASN A 39 -11.73 4.24 8.37
C ASN A 39 -11.54 2.83 8.92
N GLY A 40 -10.47 2.63 9.69
CA GLY A 40 -10.20 1.33 10.27
C GLY A 40 -9.08 0.60 9.55
N THR A 41 -8.83 1.00 8.30
CA THR A 41 -7.77 0.37 7.51
C THR A 41 -6.67 1.37 7.17
N TRP A 42 -5.93 1.08 6.11
CA TRP A 42 -4.84 1.95 5.68
C TRP A 42 -4.87 2.15 4.16
N ARG A 43 -4.31 3.26 3.72
CA ARG A 43 -4.27 3.58 2.29
C ARG A 43 -2.89 4.09 1.88
N CYS A 44 -2.39 3.61 0.75
CA CYS A 44 -1.08 4.01 0.25
C CYS A 44 -0.90 5.52 0.37
N LYS A 45 0.35 5.96 0.33
CA LYS A 45 0.66 7.38 0.45
C LYS A 45 0.08 8.15 -0.74
N VAL A 46 -0.43 7.43 -1.72
CA VAL A 46 -1.02 8.05 -2.90
C VAL A 46 -2.53 8.20 -2.76
N CYS A 47 -3.11 7.40 -1.88
CA CYS A 47 -4.55 7.45 -1.64
C CYS A 47 -4.87 8.35 -0.45
N ALA A 48 -4.16 8.16 0.64
CA ALA A 48 -4.37 8.96 1.84
C ALA A 48 -4.06 10.43 1.58
N LYS A 49 -3.27 10.69 0.54
CA LYS A 49 -2.90 12.05 0.18
C LYS A 49 -3.99 12.70 -0.68
N GLU A 50 -4.70 11.90 -1.44
CA GLU A 50 -5.77 12.39 -2.30
C GLU A 50 -7.05 11.58 -2.11
N ILE A 51 -7.87 11.54 -3.15
CA ILE A 51 -9.13 10.80 -3.10
C ILE A 51 -9.19 9.74 -4.20
N GLU A 52 -8.38 9.92 -5.23
CA GLU A 52 -8.33 8.98 -6.35
C GLU A 52 -9.70 8.87 -7.01
N LEU A 53 -9.70 8.43 -8.26
CA LEU A 53 -10.94 8.28 -9.03
C LEU A 53 -11.34 6.81 -9.12
N SER A 1 4.81 -10.69 -11.87
CA SER A 1 4.64 -10.11 -10.55
C SER A 1 5.43 -10.90 -9.50
N ASP A 2 6.37 -10.22 -8.85
CA ASP A 2 7.20 -10.86 -7.84
C ASP A 2 6.85 -10.33 -6.44
N ARG A 3 5.80 -9.52 -6.36
CA ARG A 3 5.36 -8.95 -5.10
C ARG A 3 6.25 -7.77 -4.70
N THR A 4 6.16 -6.70 -5.47
CA THR A 4 6.95 -5.50 -5.21
C THR A 4 6.06 -4.30 -4.94
N CYS A 5 6.49 -3.43 -4.03
CA CYS A 5 5.73 -2.23 -3.68
C CYS A 5 5.31 -1.47 -4.94
N ALA A 6 4.15 -0.83 -4.87
CA ALA A 6 3.63 -0.06 -5.99
C ALA A 6 3.96 1.41 -5.84
N ARG A 7 4.91 1.73 -4.96
CA ARG A 7 5.31 3.10 -4.72
C ARG A 7 6.83 3.23 -4.72
N CYS A 8 7.51 2.26 -4.13
CA CYS A 8 8.96 2.26 -4.06
C CYS A 8 9.55 1.08 -4.83
N GLN A 9 8.69 0.12 -5.17
CA GLN A 9 9.12 -1.06 -5.90
C GLN A 9 10.15 -1.86 -5.11
N GLU A 10 9.76 -2.26 -3.90
CA GLU A 10 10.65 -3.04 -3.04
C GLU A 10 10.08 -4.43 -2.78
N SER A 11 10.97 -5.39 -2.52
CA SER A 11 10.56 -6.76 -2.27
C SER A 11 9.60 -6.82 -1.09
N LEU A 12 8.49 -7.56 -1.27
CA LEU A 12 7.49 -7.71 -0.23
C LEU A 12 7.76 -8.94 0.63
N GLY A 13 9.01 -9.39 0.62
CA GLY A 13 9.39 -10.56 1.39
C GLY A 13 9.07 -10.40 2.87
N ARG A 14 8.75 -11.50 3.53
CA ARG A 14 8.42 -11.48 4.96
C ARG A 14 7.58 -10.25 5.30
N LEU A 15 6.67 -9.90 4.40
CA LEU A 15 5.81 -8.74 4.61
C LEU A 15 4.33 -9.14 4.52
N SER A 16 4.08 -10.30 3.93
CA SER A 16 2.71 -10.79 3.78
C SER A 16 1.95 -9.97 2.75
N PRO A 17 2.17 -10.27 1.46
CA PRO A 17 1.51 -9.57 0.35
C PRO A 17 0.02 -9.90 0.27
N LYS A 18 -0.45 -10.74 1.18
CA LYS A 18 -1.85 -11.13 1.21
C LYS A 18 -2.71 -10.01 1.81
N THR A 19 -2.11 -9.21 2.67
CA THR A 19 -2.82 -8.11 3.32
C THR A 19 -2.06 -6.80 3.16
N ASN A 20 -1.27 -6.70 2.09
CA ASN A 20 -0.49 -5.50 1.83
C ASN A 20 -0.96 -4.82 0.54
N THR A 21 -2.13 -5.23 0.06
CA THR A 21 -2.68 -4.66 -1.17
C THR A 21 -3.69 -3.56 -0.85
N CYS A 22 -3.30 -2.32 -1.09
CA CYS A 22 -4.17 -1.17 -0.83
C CYS A 22 -5.60 -1.46 -1.31
N ARG A 23 -6.57 -1.17 -0.45
CA ARG A 23 -7.97 -1.40 -0.79
C ARG A 23 -8.53 -0.22 -1.59
N GLY A 24 -7.63 0.58 -2.14
CA GLY A 24 -8.06 1.73 -2.93
C GLY A 24 -7.68 1.60 -4.40
N CYS A 25 -6.44 1.22 -4.66
CA CYS A 25 -5.96 1.06 -6.03
C CYS A 25 -5.78 -0.41 -6.37
N ASN A 26 -5.67 -1.25 -5.34
CA ASN A 26 -5.51 -2.68 -5.53
C ASN A 26 -4.06 -3.02 -5.86
N HIS A 27 -3.14 -2.17 -5.40
CA HIS A 27 -1.72 -2.39 -5.65
C HIS A 27 -0.99 -2.70 -4.34
N LEU A 28 0.21 -3.26 -4.46
CA LEU A 28 1.01 -3.61 -3.30
C LEU A 28 1.68 -2.38 -2.70
N VAL A 29 1.87 -2.39 -1.39
CA VAL A 29 2.49 -1.27 -0.69
C VAL A 29 3.10 -1.72 0.64
N CYS A 30 4.43 -1.68 0.71
CA CYS A 30 5.13 -2.07 1.92
C CYS A 30 4.54 -1.40 3.15
N ARG A 31 5.10 -1.69 4.32
CA ARG A 31 4.63 -1.10 5.57
C ARG A 31 5.24 0.28 5.79
N ASP A 32 5.73 0.88 4.70
CA ASP A 32 6.33 2.20 4.78
C ASP A 32 5.69 3.15 3.78
N CYS A 33 4.85 2.60 2.90
CA CYS A 33 4.19 3.41 1.88
C CYS A 33 2.69 3.45 2.14
N ARG A 34 2.28 3.11 3.37
CA ARG A 34 0.88 3.12 3.75
C ARG A 34 0.60 4.20 4.78
N ILE A 35 -0.65 4.64 4.85
CA ILE A 35 -1.05 5.68 5.80
C ILE A 35 -2.14 5.17 6.73
N GLN A 36 -1.85 5.15 8.03
CA GLN A 36 -2.81 4.68 9.02
C GLN A 36 -4.11 5.48 8.93
N GLU A 37 -5.06 4.98 8.15
CA GLU A 37 -6.34 5.66 7.99
C GLU A 37 -7.19 5.52 9.24
N SER A 38 -8.05 6.51 9.49
CA SER A 38 -8.92 6.50 10.67
C SER A 38 -10.27 5.89 10.33
N ASN A 39 -10.25 4.84 9.50
CA ASN A 39 -11.47 4.15 9.10
C ASN A 39 -11.37 2.65 9.36
N GLY A 40 -10.40 2.27 10.18
CA GLY A 40 -10.22 0.86 10.50
C GLY A 40 -9.39 0.14 9.44
N THR A 41 -8.63 0.90 8.66
CA THR A 41 -7.80 0.33 7.62
C THR A 41 -6.64 1.27 7.27
N TRP A 42 -6.05 1.05 6.09
CA TRP A 42 -4.93 1.87 5.64
C TRP A 42 -5.04 2.15 4.14
N ARG A 43 -4.36 3.19 3.69
CA ARG A 43 -4.37 3.57 2.28
C ARG A 43 -3.02 4.14 1.85
N CYS A 44 -2.49 3.62 0.76
CA CYS A 44 -1.21 4.07 0.24
C CYS A 44 -1.10 5.59 0.30
N LYS A 45 0.12 6.11 0.23
CA LYS A 45 0.36 7.54 0.27
C LYS A 45 -0.23 8.23 -0.96
N VAL A 46 -0.73 7.43 -1.90
CA VAL A 46 -1.32 7.96 -3.12
C VAL A 46 -2.84 8.00 -3.03
N CYS A 47 -3.38 7.23 -2.09
CA CYS A 47 -4.83 7.18 -1.89
C CYS A 47 -5.24 7.97 -0.66
N ALA A 48 -4.40 7.92 0.37
CA ALA A 48 -4.69 8.64 1.61
C ALA A 48 -4.32 10.11 1.49
N LYS A 49 -3.31 10.40 0.68
CA LYS A 49 -2.86 11.77 0.47
C LYS A 49 -3.50 12.38 -0.77
N GLU A 50 -4.46 13.27 -0.56
CA GLU A 50 -5.16 13.93 -1.65
C GLU A 50 -4.81 15.41 -1.72
N ILE A 51 -4.08 15.80 -2.76
CA ILE A 51 -3.68 17.19 -2.93
C ILE A 51 -4.79 18.01 -3.59
N GLU A 52 -5.08 19.17 -3.02
CA GLU A 52 -6.12 20.04 -3.55
C GLU A 52 -6.06 20.08 -5.08
N LEU A 53 -4.91 20.47 -5.62
CA LEU A 53 -4.72 20.56 -7.06
C LEU A 53 -4.92 19.20 -7.71
N SER A 1 5.02 -8.62 -10.92
CA SER A 1 4.62 -10.02 -10.88
C SER A 1 5.52 -10.82 -9.95
N ASP A 2 6.22 -10.11 -9.07
CA ASP A 2 7.13 -10.75 -8.11
C ASP A 2 6.83 -10.29 -6.69
N ARG A 3 5.81 -9.46 -6.54
CA ARG A 3 5.44 -8.94 -5.24
C ARG A 3 6.33 -7.78 -4.83
N THR A 4 6.22 -6.66 -5.55
CA THR A 4 7.01 -5.48 -5.27
C THR A 4 6.13 -4.27 -4.98
N CYS A 5 6.54 -3.46 -4.01
CA CYS A 5 5.78 -2.27 -3.65
C CYS A 5 5.40 -1.46 -4.89
N ALA A 6 4.29 -0.74 -4.79
CA ALA A 6 3.82 0.08 -5.90
C ALA A 6 4.28 1.53 -5.77
N ARG A 7 5.13 1.77 -4.77
CA ARG A 7 5.65 3.10 -4.52
C ARG A 7 7.17 3.11 -4.54
N CYS A 8 7.77 2.16 -3.81
CA CYS A 8 9.22 2.05 -3.75
C CYS A 8 9.73 0.94 -4.66
N GLN A 9 8.83 0.04 -5.03
CA GLN A 9 9.19 -1.09 -5.90
C GLN A 9 10.12 -2.06 -5.18
N GLU A 10 9.96 -2.16 -3.86
CA GLU A 10 10.79 -3.05 -3.06
C GLU A 10 10.11 -4.40 -2.88
N SER A 11 10.92 -5.47 -2.88
CA SER A 11 10.40 -6.81 -2.72
C SER A 11 9.49 -6.90 -1.49
N LEU A 12 8.47 -7.75 -1.59
CA LEU A 12 7.53 -7.94 -0.49
C LEU A 12 7.73 -9.29 0.18
N GLY A 13 8.95 -9.80 0.12
CA GLY A 13 9.25 -11.08 0.73
C GLY A 13 8.52 -11.29 2.03
N ARG A 14 9.16 -10.91 3.14
CA ARG A 14 8.55 -11.06 4.46
C ARG A 14 7.62 -9.89 4.77
N LEU A 15 6.89 -9.43 3.75
CA LEU A 15 5.96 -8.32 3.93
C LEU A 15 4.53 -8.82 4.12
N SER A 16 4.22 -9.94 3.49
CA SER A 16 2.89 -10.53 3.60
C SER A 16 1.92 -9.87 2.62
N PRO A 17 1.98 -10.30 1.34
CA PRO A 17 1.12 -9.76 0.29
C PRO A 17 -0.34 -10.17 0.47
N LYS A 18 -0.62 -10.91 1.53
CA LYS A 18 -1.97 -11.37 1.82
C LYS A 18 -2.83 -10.22 2.35
N THR A 19 -2.19 -9.28 3.04
CA THR A 19 -2.90 -8.14 3.60
C THR A 19 -2.20 -6.83 3.25
N ASN A 20 -1.12 -6.93 2.48
CA ASN A 20 -0.35 -5.76 2.08
C ASN A 20 -0.79 -5.27 0.71
N THR A 21 -2.09 -5.11 0.53
CA THR A 21 -2.65 -4.65 -0.74
C THR A 21 -3.67 -3.54 -0.52
N CYS A 22 -3.31 -2.33 -0.93
CA CYS A 22 -4.19 -1.18 -0.79
C CYS A 22 -5.60 -1.50 -1.31
N ARG A 23 -6.60 -1.06 -0.57
CA ARG A 23 -8.00 -1.30 -0.96
C ARG A 23 -8.50 -0.18 -1.88
N GLY A 24 -7.57 0.57 -2.45
CA GLY A 24 -7.94 1.65 -3.35
C GLY A 24 -7.44 1.44 -4.76
N CYS A 25 -6.18 1.04 -4.88
CA CYS A 25 -5.57 0.81 -6.19
C CYS A 25 -5.41 -0.69 -6.45
N ASN A 26 -5.40 -1.47 -5.37
CA ASN A 26 -5.25 -2.91 -5.48
C ASN A 26 -3.79 -3.29 -5.75
N HIS A 27 -2.88 -2.44 -5.31
CA HIS A 27 -1.45 -2.68 -5.50
C HIS A 27 -0.76 -2.93 -4.16
N LEU A 28 0.43 -3.52 -4.22
CA LEU A 28 1.20 -3.81 -3.01
C LEU A 28 1.82 -2.54 -2.45
N VAL A 29 1.94 -2.47 -1.13
CA VAL A 29 2.52 -1.31 -0.46
C VAL A 29 3.16 -1.71 0.87
N CYS A 30 4.47 -1.51 0.97
CA CYS A 30 5.20 -1.84 2.18
C CYS A 30 4.52 -1.25 3.41
N ARG A 31 5.08 -1.54 4.59
CA ARG A 31 4.53 -1.03 5.83
C ARG A 31 5.00 0.39 6.11
N ASP A 32 5.48 1.05 5.07
CA ASP A 32 5.97 2.43 5.19
C ASP A 32 5.28 3.34 4.20
N CYS A 33 4.51 2.76 3.29
CA CYS A 33 3.80 3.52 2.27
C CYS A 33 2.31 3.55 2.56
N ARG A 34 1.93 3.08 3.75
CA ARG A 34 0.53 3.05 4.15
C ARG A 34 0.20 4.24 5.05
N ILE A 35 -0.92 4.90 4.77
CA ILE A 35 -1.35 6.06 5.55
C ILE A 35 -2.50 5.69 6.48
N GLN A 36 -2.19 5.58 7.78
CA GLN A 36 -3.19 5.24 8.78
C GLN A 36 -4.44 6.10 8.60
N GLU A 37 -5.55 5.46 8.25
CA GLU A 37 -6.81 6.17 8.06
C GLU A 37 -7.59 6.26 9.37
N SER A 38 -7.31 5.34 10.28
CA SER A 38 -7.99 5.31 11.57
C SER A 38 -9.38 4.70 11.45
N ASN A 39 -10.12 5.14 10.44
CA ASN A 39 -11.48 4.64 10.21
C ASN A 39 -11.54 3.14 10.45
N GLY A 40 -10.45 2.45 10.18
CA GLY A 40 -10.40 1.01 10.38
C GLY A 40 -9.50 0.31 9.38
N THR A 41 -9.10 1.04 8.34
CA THR A 41 -8.23 0.48 7.31
C THR A 41 -7.05 1.41 7.03
N TRP A 42 -6.47 1.27 5.84
CA TRP A 42 -5.35 2.10 5.44
C TRP A 42 -5.30 2.27 3.92
N ARG A 43 -4.59 3.30 3.47
CA ARG A 43 -4.48 3.58 2.04
C ARG A 43 -3.08 4.09 1.70
N CYS A 44 -2.55 3.63 0.58
CA CYS A 44 -1.21 4.03 0.13
C CYS A 44 -1.09 5.56 0.12
N LYS A 45 0.14 6.04 0.01
CA LYS A 45 0.40 7.48 -0.02
C LYS A 45 -0.13 8.10 -1.30
N VAL A 46 -0.51 7.25 -2.26
CA VAL A 46 -1.05 7.72 -3.53
C VAL A 46 -2.56 7.85 -3.48
N CYS A 47 -3.19 7.09 -2.58
CA CYS A 47 -4.63 7.12 -2.43
C CYS A 47 -5.04 8.01 -1.27
N ALA A 48 -4.31 7.91 -0.16
CA ALA A 48 -4.60 8.70 1.03
C ALA A 48 -4.22 10.17 0.81
N LYS A 49 -3.14 10.38 0.07
CA LYS A 49 -2.67 11.74 -0.21
C LYS A 49 -2.80 12.06 -1.70
N GLU A 50 -2.69 13.34 -2.03
CA GLU A 50 -2.79 13.78 -3.42
C GLU A 50 -4.21 13.58 -3.94
N ILE A 51 -4.48 14.17 -5.11
CA ILE A 51 -5.80 14.07 -5.72
C ILE A 51 -5.79 13.06 -6.86
N GLU A 52 -6.97 12.76 -7.40
CA GLU A 52 -7.10 11.81 -8.50
C GLU A 52 -8.33 12.14 -9.36
N LEU A 53 -8.33 11.65 -10.58
CA LEU A 53 -9.43 11.88 -11.51
C LEU A 53 -10.63 11.00 -11.15
N SER A 1 3.54 -11.51 -11.66
CA SER A 1 3.67 -10.78 -10.41
C SER A 1 4.72 -11.41 -9.51
N ASP A 2 5.52 -10.56 -8.86
CA ASP A 2 6.57 -11.03 -7.97
C ASP A 2 6.36 -10.52 -6.55
N ARG A 3 5.39 -9.61 -6.40
CA ARG A 3 5.09 -9.03 -5.10
C ARG A 3 6.03 -7.87 -4.78
N THR A 4 5.87 -6.79 -5.53
CA THR A 4 6.70 -5.60 -5.34
C THR A 4 5.86 -4.38 -4.99
N CYS A 5 6.38 -3.53 -4.11
CA CYS A 5 5.68 -2.32 -3.69
C CYS A 5 5.28 -1.48 -4.90
N ALA A 6 4.20 -0.73 -4.77
CA ALA A 6 3.72 0.13 -5.85
C ALA A 6 4.27 1.54 -5.71
N ARG A 7 5.10 1.75 -4.70
CA ARG A 7 5.69 3.07 -4.46
C ARG A 7 7.21 2.97 -4.42
N CYS A 8 7.73 1.92 -3.80
CA CYS A 8 9.17 1.71 -3.69
C CYS A 8 9.64 0.68 -4.71
N GLN A 9 8.73 -0.15 -5.18
CA GLN A 9 9.05 -1.18 -6.16
C GLN A 9 9.99 -2.22 -5.57
N GLU A 10 9.92 -2.38 -4.25
CA GLU A 10 10.78 -3.35 -3.55
C GLU A 10 10.04 -4.66 -3.32
N SER A 11 10.80 -5.75 -3.29
CA SER A 11 10.21 -7.08 -3.09
C SER A 11 9.39 -7.11 -1.80
N LEU A 12 8.32 -7.88 -1.82
CA LEU A 12 7.44 -8.01 -0.65
C LEU A 12 7.63 -9.36 0.02
N GLY A 13 8.82 -9.93 -0.12
CA GLY A 13 9.11 -11.21 0.48
C GLY A 13 8.58 -11.32 1.90
N ARG A 14 9.44 -11.03 2.87
CA ARG A 14 9.06 -11.10 4.28
C ARG A 14 8.35 -9.82 4.71
N LEU A 15 7.26 -9.50 4.03
CA LEU A 15 6.49 -8.30 4.34
C LEU A 15 5.00 -8.58 4.34
N SER A 16 4.64 -9.85 4.12
CA SER A 16 3.25 -10.25 4.09
C SER A 16 2.47 -9.48 3.04
N PRO A 17 2.68 -9.83 1.76
CA PRO A 17 2.01 -9.16 0.64
C PRO A 17 0.53 -9.48 0.58
N LYS A 18 0.06 -10.30 1.51
CA LYS A 18 -1.35 -10.68 1.58
C LYS A 18 -2.19 -9.58 2.20
N THR A 19 -1.57 -8.80 3.08
CA THR A 19 -2.26 -7.71 3.75
C THR A 19 -1.60 -6.36 3.44
N ASN A 20 -0.90 -6.31 2.31
CA ASN A 20 -0.21 -5.08 1.90
C ASN A 20 -0.77 -4.58 0.57
N THR A 21 -1.97 -5.01 0.23
CA THR A 21 -2.62 -4.61 -1.00
C THR A 21 -3.62 -3.48 -0.77
N CYS A 22 -3.16 -2.24 -0.98
CA CYS A 22 -4.02 -1.08 -0.79
C CYS A 22 -5.44 -1.36 -1.26
N ARG A 23 -6.41 -1.02 -0.42
CA ARG A 23 -7.82 -1.24 -0.74
C ARG A 23 -8.37 -0.07 -1.56
N GLY A 24 -7.48 0.66 -2.21
CA GLY A 24 -7.89 1.79 -3.02
C GLY A 24 -7.45 1.67 -4.46
N CYS A 25 -6.26 1.14 -4.67
CA CYS A 25 -5.71 0.96 -6.01
C CYS A 25 -5.51 -0.52 -6.33
N ASN A 26 -5.55 -1.35 -5.29
CA ASN A 26 -5.37 -2.79 -5.46
C ASN A 26 -3.90 -3.13 -5.71
N HIS A 27 -3.01 -2.21 -5.33
CA HIS A 27 -1.58 -2.41 -5.52
C HIS A 27 -0.89 -2.72 -4.20
N LEU A 28 0.26 -3.36 -4.27
CA LEU A 28 1.02 -3.73 -3.07
C LEU A 28 1.71 -2.50 -2.48
N VAL A 29 1.85 -2.50 -1.16
CA VAL A 29 2.51 -1.38 -0.46
C VAL A 29 3.13 -1.85 0.85
N CYS A 30 4.45 -1.69 0.94
CA CYS A 30 5.18 -2.09 2.14
C CYS A 30 4.51 -1.52 3.40
N ARG A 31 5.11 -1.80 4.55
CA ARG A 31 4.57 -1.32 5.82
C ARG A 31 5.08 0.09 6.12
N ASP A 32 5.56 0.77 5.09
CA ASP A 32 6.06 2.13 5.25
C ASP A 32 5.39 3.08 4.26
N CYS A 33 4.65 2.51 3.31
CA CYS A 33 3.94 3.30 2.31
C CYS A 33 2.46 3.35 2.60
N ARG A 34 2.05 2.73 3.70
CA ARG A 34 0.64 2.70 4.10
C ARG A 34 0.34 3.79 5.12
N ILE A 35 -0.75 4.53 4.89
CA ILE A 35 -1.14 5.60 5.80
C ILE A 35 -2.36 5.20 6.63
N GLN A 36 -2.21 5.28 7.95
CA GLN A 36 -3.30 4.93 8.86
C GLN A 36 -4.50 5.84 8.64
N GLU A 37 -5.65 5.23 8.33
CA GLU A 37 -6.87 5.98 8.09
C GLU A 37 -7.81 5.89 9.29
N SER A 38 -8.75 6.82 9.39
CA SER A 38 -9.70 6.85 10.49
C SER A 38 -11.00 6.15 10.11
N ASN A 39 -11.00 4.82 10.20
CA ASN A 39 -12.18 4.04 9.86
C ASN A 39 -11.96 2.57 10.21
N GLY A 40 -10.72 2.10 10.05
CA GLY A 40 -10.41 0.71 10.35
C GLY A 40 -9.54 0.08 9.29
N THR A 41 -9.20 0.85 8.26
CA THR A 41 -8.36 0.36 7.16
C THR A 41 -7.16 1.26 6.94
N TRP A 42 -6.60 1.20 5.74
CA TRP A 42 -5.44 2.02 5.39
C TRP A 42 -5.35 2.24 3.89
N ARG A 43 -4.60 3.25 3.48
CA ARG A 43 -4.43 3.57 2.07
C ARG A 43 -3.03 4.08 1.78
N CYS A 44 -2.43 3.60 0.70
CA CYS A 44 -1.08 4.01 0.31
C CYS A 44 -0.94 5.53 0.38
N LYS A 45 0.30 6.00 0.28
CA LYS A 45 0.57 7.43 0.33
C LYS A 45 0.05 8.13 -0.93
N VAL A 46 -0.37 7.33 -1.91
CA VAL A 46 -0.90 7.88 -3.16
C VAL A 46 -2.41 7.99 -3.11
N CYS A 47 -3.04 7.23 -2.21
CA CYS A 47 -4.49 7.25 -2.06
C CYS A 47 -4.90 8.04 -0.83
N ALA A 48 -4.12 7.90 0.24
CA ALA A 48 -4.41 8.61 1.48
C ALA A 48 -4.09 10.10 1.36
N LYS A 49 -3.10 10.42 0.53
CA LYS A 49 -2.70 11.81 0.33
C LYS A 49 -3.36 12.38 -0.93
N GLU A 50 -4.17 13.43 -0.74
CA GLU A 50 -4.86 14.06 -1.85
C GLU A 50 -3.90 14.35 -3.00
N ILE A 51 -4.04 13.60 -4.09
CA ILE A 51 -3.19 13.77 -5.25
C ILE A 51 -3.17 15.22 -5.72
N GLU A 52 -2.00 15.68 -6.15
CA GLU A 52 -1.86 17.06 -6.62
C GLU A 52 -2.18 17.17 -8.11
N LEU A 53 -1.67 16.21 -8.89
CA LEU A 53 -1.89 16.19 -10.32
C LEU A 53 -3.39 16.15 -10.64
N SER A 1 5.62 -9.78 -11.90
CA SER A 1 4.73 -10.18 -10.81
C SER A 1 5.47 -11.00 -9.76
N ASP A 2 6.29 -10.31 -8.96
CA ASP A 2 7.07 -10.98 -7.92
C ASP A 2 6.65 -10.48 -6.54
N ARG A 3 5.67 -9.58 -6.51
CA ARG A 3 5.18 -9.02 -5.25
C ARG A 3 6.09 -7.89 -4.77
N THR A 4 6.00 -6.74 -5.43
CA THR A 4 6.81 -5.59 -5.08
C THR A 4 5.96 -4.35 -4.85
N CYS A 5 6.36 -3.52 -3.90
CA CYS A 5 5.63 -2.30 -3.58
C CYS A 5 5.30 -1.51 -4.84
N ALA A 6 4.07 -1.01 -4.93
CA ALA A 6 3.64 -0.23 -6.08
C ALA A 6 3.94 1.25 -5.89
N ARG A 7 4.89 1.55 -5.01
CA ARG A 7 5.27 2.93 -4.73
C ARG A 7 6.79 3.07 -4.71
N CYS A 8 7.45 2.19 -3.97
CA CYS A 8 8.90 2.21 -3.85
C CYS A 8 9.54 1.10 -4.69
N GLN A 9 8.76 0.07 -4.96
CA GLN A 9 9.24 -1.07 -5.75
C GLN A 9 10.18 -1.94 -4.92
N GLU A 10 9.78 -2.25 -3.69
CA GLU A 10 10.58 -3.07 -2.81
C GLU A 10 9.98 -4.47 -2.67
N SER A 11 10.83 -5.44 -2.34
CA SER A 11 10.38 -6.83 -2.18
C SER A 11 9.41 -6.96 -1.02
N LEU A 12 8.37 -7.76 -1.20
CA LEU A 12 7.36 -7.98 -0.17
C LEU A 12 7.61 -9.28 0.57
N GLY A 13 8.73 -9.93 0.27
CA GLY A 13 9.07 -11.18 0.91
C GLY A 13 8.60 -11.24 2.36
N ARG A 14 9.46 -10.80 3.27
CA ARG A 14 9.13 -10.81 4.69
C ARG A 14 8.18 -9.65 5.03
N LEU A 15 7.11 -9.53 4.26
CA LEU A 15 6.12 -8.48 4.48
C LEU A 15 4.70 -9.00 4.26
N SER A 16 4.57 -10.32 4.16
CA SER A 16 3.28 -10.94 3.94
C SER A 16 2.47 -10.16 2.91
N PRO A 17 2.77 -10.40 1.62
CA PRO A 17 2.07 -9.73 0.52
C PRO A 17 0.63 -10.19 0.37
N LYS A 18 -0.19 -9.87 1.37
CA LYS A 18 -1.60 -10.26 1.35
C LYS A 18 -2.49 -9.12 1.87
N THR A 19 -2.13 -8.60 3.04
CA THR A 19 -2.88 -7.51 3.65
C THR A 19 -2.26 -6.16 3.34
N ASN A 20 -1.17 -6.19 2.57
CA ASN A 20 -0.47 -4.96 2.20
C ASN A 20 -0.90 -4.49 0.82
N THR A 21 -2.14 -4.79 0.46
CA THR A 21 -2.68 -4.39 -0.84
C THR A 21 -3.70 -3.27 -0.70
N CYS A 22 -3.35 -2.09 -1.21
CA CYS A 22 -4.24 -0.93 -1.14
C CYS A 22 -5.62 -1.27 -1.68
N ARG A 23 -6.64 -0.95 -0.90
CA ARG A 23 -8.02 -1.22 -1.30
C ARG A 23 -8.52 -0.16 -2.28
N GLY A 24 -7.77 0.93 -2.41
CA GLY A 24 -8.15 2.00 -3.30
C GLY A 24 -7.41 1.93 -4.63
N CYS A 25 -6.38 1.10 -4.69
CA CYS A 25 -5.58 0.95 -5.90
C CYS A 25 -5.53 -0.51 -6.34
N ASN A 26 -5.55 -1.41 -5.36
CA ASN A 26 -5.51 -2.84 -5.65
C ASN A 26 -4.08 -3.30 -5.93
N HIS A 27 -3.12 -2.54 -5.43
CA HIS A 27 -1.71 -2.86 -5.63
C HIS A 27 -1.02 -3.11 -4.29
N LEU A 28 0.15 -3.75 -4.35
CA LEU A 28 0.91 -4.05 -3.14
C LEU A 28 1.62 -2.80 -2.62
N VAL A 29 1.76 -2.72 -1.30
CA VAL A 29 2.42 -1.58 -0.67
C VAL A 29 3.01 -1.95 0.68
N CYS A 30 4.32 -1.85 0.81
CA CYS A 30 5.01 -2.18 2.06
C CYS A 30 4.35 -1.46 3.24
N ARG A 31 4.84 -1.74 4.44
CA ARG A 31 4.31 -1.12 5.64
C ARG A 31 4.94 0.25 5.87
N ASP A 32 5.45 0.84 4.81
CA ASP A 32 6.08 2.16 4.89
C ASP A 32 5.47 3.13 3.89
N CYS A 33 4.66 2.59 2.98
CA CYS A 33 4.00 3.41 1.96
C CYS A 33 2.49 3.50 2.22
N ARG A 34 2.08 3.07 3.41
CA ARG A 34 0.67 3.09 3.78
C ARG A 34 0.40 4.22 4.77
N ILE A 35 -0.77 4.82 4.65
CA ILE A 35 -1.17 5.92 5.54
C ILE A 35 -2.34 5.52 6.43
N GLN A 36 -2.04 5.07 7.63
CA GLN A 36 -3.07 4.66 8.59
C GLN A 36 -4.26 5.61 8.54
N GLU A 37 -5.40 5.11 8.08
CA GLU A 37 -6.60 5.91 7.98
C GLU A 37 -7.34 5.95 9.32
N SER A 38 -7.03 4.99 10.19
CA SER A 38 -7.66 4.91 11.50
C SER A 38 -9.17 4.71 11.37
N ASN A 39 -9.63 4.47 10.15
CA ASN A 39 -11.04 4.26 9.89
C ASN A 39 -11.34 2.78 9.64
N GLY A 40 -10.52 1.91 10.21
CA GLY A 40 -10.71 0.48 10.05
C GLY A 40 -9.76 -0.11 9.02
N THR A 41 -9.11 0.76 8.24
CA THR A 41 -8.19 0.32 7.21
C THR A 41 -7.12 1.37 6.95
N TRP A 42 -6.44 1.26 5.80
CA TRP A 42 -5.40 2.20 5.43
C TRP A 42 -5.36 2.40 3.92
N ARG A 43 -4.70 3.47 3.49
CA ARG A 43 -4.58 3.78 2.07
C ARG A 43 -3.19 4.30 1.74
N CYS A 44 -2.60 3.75 0.67
CA CYS A 44 -1.26 4.17 0.25
C CYS A 44 -1.12 5.68 0.31
N LYS A 45 0.12 6.16 0.21
CA LYS A 45 0.39 7.59 0.25
C LYS A 45 -0.20 8.30 -0.97
N VAL A 46 -0.48 7.52 -2.02
CA VAL A 46 -1.06 8.06 -3.23
C VAL A 46 -2.57 8.23 -3.11
N CYS A 47 -3.16 7.49 -2.19
CA CYS A 47 -4.60 7.56 -1.97
C CYS A 47 -4.94 8.48 -0.79
N ALA A 48 -4.29 8.23 0.34
CA ALA A 48 -4.51 9.02 1.54
C ALA A 48 -3.93 10.42 1.37
N LYS A 49 -3.16 10.62 0.31
CA LYS A 49 -2.54 11.91 0.04
C LYS A 49 -2.57 12.22 -1.45
N GLU A 50 -2.87 13.47 -1.79
CA GLU A 50 -2.94 13.90 -3.17
C GLU A 50 -2.32 15.28 -3.35
N ILE A 51 -1.74 15.52 -4.52
CA ILE A 51 -1.11 16.81 -4.82
C ILE A 51 -1.91 17.58 -5.86
N GLU A 52 -2.58 16.86 -6.75
CA GLU A 52 -3.38 17.48 -7.80
C GLU A 52 -4.26 16.44 -8.49
N LEU A 53 -4.95 15.63 -7.70
CA LEU A 53 -5.83 14.60 -8.23
C LEU A 53 -5.04 13.36 -8.63
N SER A 1 3.55 -11.20 -11.61
CA SER A 1 3.81 -10.44 -10.39
C SER A 1 4.75 -11.20 -9.45
N ASP A 2 5.69 -10.48 -8.86
CA ASP A 2 6.65 -11.09 -7.94
C ASP A 2 6.45 -10.57 -6.52
N ARG A 3 5.48 -9.67 -6.36
CA ARG A 3 5.19 -9.09 -5.05
C ARG A 3 6.13 -7.93 -4.76
N THR A 4 5.98 -6.84 -5.50
CA THR A 4 6.82 -5.66 -5.32
C THR A 4 5.96 -4.42 -5.03
N CYS A 5 6.43 -3.59 -4.11
CA CYS A 5 5.71 -2.37 -3.74
C CYS A 5 5.32 -1.59 -4.98
N ALA A 6 4.24 -0.82 -4.87
CA ALA A 6 3.75 -0.02 -5.98
C ALA A 6 4.25 1.41 -5.88
N ARG A 7 5.07 1.69 -4.88
CA ARG A 7 5.62 3.02 -4.67
C ARG A 7 7.14 2.98 -4.64
N CYS A 8 7.70 1.96 -4.00
CA CYS A 8 9.15 1.80 -3.90
C CYS A 8 9.65 0.78 -4.91
N GLN A 9 8.77 -0.12 -5.33
CA GLN A 9 9.12 -1.15 -6.30
C GLN A 9 10.09 -2.16 -5.68
N GLU A 10 9.98 -2.36 -4.37
CA GLU A 10 10.84 -3.29 -3.66
C GLU A 10 10.12 -4.61 -3.41
N SER A 11 10.89 -5.69 -3.33
CA SER A 11 10.32 -7.01 -3.09
C SER A 11 9.48 -7.04 -1.81
N LEU A 12 8.42 -7.83 -1.82
CA LEU A 12 7.54 -7.94 -0.66
C LEU A 12 7.80 -9.23 0.10
N GLY A 13 9.03 -9.74 0.00
CA GLY A 13 9.39 -10.97 0.70
C GLY A 13 8.68 -11.11 2.03
N ARG A 14 9.32 -10.61 3.08
CA ARG A 14 8.74 -10.68 4.42
C ARG A 14 7.76 -9.54 4.65
N LEU A 15 7.29 -8.94 3.57
CA LEU A 15 6.34 -7.84 3.66
C LEU A 15 4.94 -8.34 4.02
N SER A 16 4.58 -9.49 3.48
CA SER A 16 3.28 -10.08 3.74
C SER A 16 2.21 -9.47 2.83
N PRO A 17 2.20 -9.89 1.55
CA PRO A 17 1.25 -9.40 0.56
C PRO A 17 -0.17 -9.88 0.83
N LYS A 18 -0.33 -10.65 1.90
CA LYS A 18 -1.65 -11.19 2.27
C LYS A 18 -2.59 -10.06 2.66
N THR A 19 -2.05 -9.00 3.25
CA THR A 19 -2.86 -7.86 3.67
C THR A 19 -2.20 -6.55 3.28
N ASN A 20 -1.04 -6.64 2.62
CA ASN A 20 -0.32 -5.47 2.18
C ASN A 20 -0.80 -5.00 0.81
N THR A 21 -2.12 -4.96 0.64
CA THR A 21 -2.71 -4.54 -0.63
C THR A 21 -3.71 -3.40 -0.42
N CYS A 22 -3.31 -2.20 -0.79
CA CYS A 22 -4.15 -1.02 -0.64
C CYS A 22 -5.56 -1.30 -1.18
N ARG A 23 -6.56 -1.02 -0.36
CA ARG A 23 -7.95 -1.24 -0.74
C ARG A 23 -8.45 -0.13 -1.66
N GLY A 24 -7.54 0.78 -2.01
CA GLY A 24 -7.90 1.89 -2.88
C GLY A 24 -7.49 1.66 -4.32
N CYS A 25 -6.24 1.28 -4.52
CA CYS A 25 -5.71 1.03 -5.85
C CYS A 25 -5.56 -0.47 -6.11
N ASN A 26 -5.53 -1.25 -5.03
CA ASN A 26 -5.39 -2.70 -5.13
C ASN A 26 -3.95 -3.08 -5.46
N HIS A 27 -3.01 -2.19 -5.13
CA HIS A 27 -1.60 -2.45 -5.38
C HIS A 27 -0.86 -2.74 -4.09
N LEU A 28 0.30 -3.39 -4.21
CA LEU A 28 1.10 -3.74 -3.04
C LEU A 28 1.81 -2.50 -2.48
N VAL A 29 1.89 -2.42 -1.16
CA VAL A 29 2.55 -1.29 -0.51
C VAL A 29 3.20 -1.73 0.80
N CYS A 30 4.53 -1.61 0.86
CA CYS A 30 5.27 -1.99 2.06
C CYS A 30 4.63 -1.41 3.31
N ARG A 31 5.15 -1.80 4.47
CA ARG A 31 4.62 -1.32 5.74
C ARG A 31 5.12 0.08 6.05
N ASP A 32 5.73 0.72 5.06
CA ASP A 32 6.26 2.06 5.22
C ASP A 32 5.59 3.04 4.26
N CYS A 33 4.80 2.49 3.34
CA CYS A 33 4.10 3.32 2.36
C CYS A 33 2.60 3.37 2.67
N ARG A 34 2.22 2.81 3.81
CA ARG A 34 0.82 2.79 4.22
C ARG A 34 0.51 3.96 5.15
N ILE A 35 -0.64 4.59 4.96
CA ILE A 35 -1.05 5.72 5.78
C ILE A 35 -2.32 5.39 6.58
N GLN A 36 -2.14 5.02 7.84
CA GLN A 36 -3.26 4.68 8.70
C GLN A 36 -4.46 5.58 8.40
N GLU A 37 -5.65 5.00 8.46
CA GLU A 37 -6.88 5.75 8.19
C GLU A 37 -7.87 5.59 9.33
N SER A 38 -9.02 6.25 9.21
CA SER A 38 -10.05 6.19 10.25
C SER A 38 -11.11 5.15 9.89
N ASN A 39 -11.06 4.67 8.65
CA ASN A 39 -12.01 3.66 8.19
C ASN A 39 -11.58 2.26 8.61
N GLY A 40 -11.02 2.15 9.81
CA GLY A 40 -10.56 0.86 10.30
C GLY A 40 -9.60 0.18 9.35
N THR A 41 -8.93 0.98 8.52
CA THR A 41 -7.98 0.44 7.55
C THR A 41 -6.86 1.43 7.26
N TRP A 42 -6.16 1.23 6.15
CA TRP A 42 -5.06 2.11 5.77
C TRP A 42 -5.05 2.32 4.25
N ARG A 43 -4.36 3.38 3.83
CA ARG A 43 -4.26 3.69 2.40
C ARG A 43 -2.85 4.17 2.05
N CYS A 44 -2.38 3.77 0.87
CA CYS A 44 -1.05 4.16 0.41
C CYS A 44 -0.87 5.66 0.48
N LYS A 45 0.38 6.10 0.33
CA LYS A 45 0.68 7.53 0.38
C LYS A 45 0.16 8.25 -0.86
N VAL A 46 -0.30 7.47 -1.83
CA VAL A 46 -0.84 8.03 -3.07
C VAL A 46 -2.36 8.11 -3.02
N CYS A 47 -2.96 7.36 -2.11
CA CYS A 47 -4.41 7.35 -1.96
C CYS A 47 -4.84 8.19 -0.75
N ALA A 48 -3.99 8.22 0.27
CA ALA A 48 -4.27 8.99 1.48
C ALA A 48 -3.89 10.44 1.30
N LYS A 49 -3.01 10.72 0.35
CA LYS A 49 -2.56 12.08 0.08
C LYS A 49 -2.53 12.35 -1.43
N GLU A 50 -3.23 13.39 -1.85
CA GLU A 50 -3.27 13.77 -3.26
C GLU A 50 -1.97 14.43 -3.69
N ILE A 51 -0.95 13.62 -3.94
CA ILE A 51 0.35 14.13 -4.36
C ILE A 51 0.57 13.91 -5.85
N GLU A 52 -0.24 13.03 -6.45
CA GLU A 52 -0.13 12.72 -7.86
C GLU A 52 -1.50 12.80 -8.54
N LEU A 53 -1.53 13.39 -9.73
CA LEU A 53 -2.77 13.52 -10.48
C LEU A 53 -2.89 12.43 -11.54
N SER A 1 5.24 -8.61 -10.65
CA SER A 1 5.05 -10.03 -10.87
C SER A 1 5.71 -10.84 -9.76
N ASP A 2 6.58 -10.19 -8.99
CA ASP A 2 7.28 -10.85 -7.90
C ASP A 2 6.77 -10.36 -6.55
N ARG A 3 5.79 -9.45 -6.59
CA ARG A 3 5.22 -8.89 -5.37
C ARG A 3 6.09 -7.77 -4.82
N THR A 4 6.20 -6.69 -5.60
CA THR A 4 7.01 -5.54 -5.19
C THR A 4 6.14 -4.32 -4.93
N CYS A 5 6.53 -3.51 -3.95
CA CYS A 5 5.79 -2.30 -3.61
C CYS A 5 5.36 -1.56 -4.87
N ALA A 6 4.24 -0.83 -4.76
CA ALA A 6 3.73 -0.07 -5.89
C ALA A 6 4.11 1.40 -5.78
N ARG A 7 5.05 1.69 -4.89
CA ARG A 7 5.51 3.07 -4.69
C ARG A 7 7.03 3.12 -4.54
N CYS A 8 7.59 2.12 -3.86
CA CYS A 8 9.03 2.05 -3.64
C CYS A 8 9.62 0.83 -4.34
N GLN A 9 8.75 0.00 -4.91
CA GLN A 9 9.20 -1.20 -5.61
C GLN A 9 10.15 -2.01 -4.74
N GLU A 10 9.69 -2.41 -3.57
CA GLU A 10 10.51 -3.19 -2.64
C GLU A 10 9.97 -4.61 -2.51
N SER A 11 10.85 -5.53 -2.13
CA SER A 11 10.47 -6.93 -1.96
C SER A 11 9.47 -7.09 -0.82
N LEU A 12 8.36 -7.76 -1.11
CA LEU A 12 7.32 -7.98 -0.10
C LEU A 12 7.52 -9.32 0.59
N GLY A 13 8.66 -9.96 0.34
CA GLY A 13 8.94 -11.25 0.94
C GLY A 13 8.42 -11.35 2.37
N ARG A 14 9.26 -11.00 3.33
CA ARG A 14 8.88 -11.05 4.73
C ARG A 14 8.01 -9.85 5.11
N LEU A 15 7.02 -9.57 4.29
CA LEU A 15 6.11 -8.45 4.54
C LEU A 15 4.66 -8.90 4.46
N SER A 16 4.45 -10.15 4.09
CA SER A 16 3.09 -10.69 3.98
C SER A 16 2.23 -9.83 3.07
N PRO A 17 2.43 -9.98 1.74
CA PRO A 17 1.67 -9.21 0.75
C PRO A 17 0.21 -9.63 0.68
N LYS A 18 -0.17 -10.57 1.53
CA LYS A 18 -1.54 -11.06 1.56
C LYS A 18 -2.46 -10.07 2.27
N THR A 19 -1.88 -8.95 2.71
CA THR A 19 -2.64 -7.93 3.41
C THR A 19 -2.02 -6.55 3.21
N ASN A 20 -1.15 -6.43 2.20
CA ASN A 20 -0.49 -5.17 1.90
C ASN A 20 -0.92 -4.65 0.53
N THR A 21 -2.12 -5.02 0.10
CA THR A 21 -2.65 -4.59 -1.19
C THR A 21 -3.70 -3.51 -1.01
N CYS A 22 -3.29 -2.25 -1.26
CA CYS A 22 -4.20 -1.12 -1.13
C CYS A 22 -5.59 -1.48 -1.63
N ARG A 23 -6.61 -0.99 -0.93
CA ARG A 23 -8.00 -1.26 -1.31
C ARG A 23 -8.54 -0.13 -2.17
N GLY A 24 -7.70 0.84 -2.48
CA GLY A 24 -8.12 1.96 -3.29
C GLY A 24 -7.66 1.84 -4.74
N CYS A 25 -6.53 1.18 -4.93
CA CYS A 25 -5.98 1.00 -6.27
C CYS A 25 -5.80 -0.49 -6.58
N ASN A 26 -5.63 -1.29 -5.53
CA ASN A 26 -5.45 -2.72 -5.69
C ASN A 26 -3.99 -3.06 -6.00
N HIS A 27 -3.08 -2.21 -5.54
CA HIS A 27 -1.66 -2.41 -5.76
C HIS A 27 -0.94 -2.74 -4.46
N LEU A 28 0.26 -3.30 -4.57
CA LEU A 28 1.06 -3.66 -3.40
C LEU A 28 1.72 -2.44 -2.79
N VAL A 29 1.79 -2.41 -1.46
CA VAL A 29 2.38 -1.30 -0.75
C VAL A 29 2.89 -1.73 0.63
N CYS A 30 4.20 -1.73 0.80
CA CYS A 30 4.81 -2.12 2.07
C CYS A 30 4.13 -1.40 3.24
N ARG A 31 4.59 -1.70 4.45
CA ARG A 31 4.03 -1.09 5.65
C ARG A 31 4.67 0.27 5.91
N ASP A 32 5.23 0.86 4.86
CA ASP A 32 5.88 2.16 4.99
C ASP A 32 5.28 3.16 3.99
N CYS A 33 4.68 2.63 2.92
CA CYS A 33 4.07 3.47 1.89
C CYS A 33 2.58 3.60 2.12
N ARG A 34 2.12 3.16 3.29
CA ARG A 34 0.71 3.24 3.63
C ARG A 34 0.44 4.36 4.63
N ILE A 35 -0.79 4.87 4.62
CA ILE A 35 -1.17 5.95 5.52
C ILE A 35 -2.29 5.52 6.46
N GLN A 36 -1.94 5.31 7.73
CA GLN A 36 -2.92 4.89 8.73
C GLN A 36 -4.14 5.81 8.71
N GLU A 37 -5.27 5.28 8.25
CA GLU A 37 -6.50 6.05 8.19
C GLU A 37 -7.16 6.13 9.56
N SER A 38 -6.88 5.15 10.40
CA SER A 38 -7.45 5.09 11.74
C SER A 38 -8.95 4.85 11.68
N ASN A 39 -9.45 4.55 10.47
CA ASN A 39 -10.88 4.31 10.28
C ASN A 39 -11.16 2.81 10.19
N GLY A 40 -10.12 2.01 10.43
CA GLY A 40 -10.29 0.56 10.38
C GLY A 40 -9.47 -0.06 9.26
N THR A 41 -8.99 0.76 8.33
CA THR A 41 -8.19 0.29 7.21
C THR A 41 -7.01 1.22 6.94
N TRP A 42 -6.49 1.15 5.72
CA TRP A 42 -5.35 1.99 5.34
C TRP A 42 -5.36 2.25 3.84
N ARG A 43 -4.66 3.30 3.42
CA ARG A 43 -4.58 3.66 2.02
C ARG A 43 -3.20 4.21 1.66
N CYS A 44 -2.63 3.69 0.57
CA CYS A 44 -1.31 4.12 0.13
C CYS A 44 -1.20 5.65 0.16
N LYS A 45 0.02 6.15 -0.01
CA LYS A 45 0.27 7.58 0.01
C LYS A 45 -0.29 8.24 -1.25
N VAL A 46 -0.77 7.42 -2.17
CA VAL A 46 -1.34 7.93 -3.42
C VAL A 46 -2.87 7.98 -3.35
N CYS A 47 -3.44 7.25 -2.41
CA CYS A 47 -4.89 7.22 -2.23
C CYS A 47 -5.30 8.03 -1.01
N ALA A 48 -4.43 8.08 -0.01
CA ALA A 48 -4.69 8.82 1.20
C ALA A 48 -4.29 10.28 1.07
N LYS A 49 -3.42 10.57 0.09
CA LYS A 49 -2.95 11.92 -0.15
C LYS A 49 -3.00 12.26 -1.64
N GLU A 50 -4.21 12.23 -2.20
CA GLU A 50 -4.40 12.52 -3.61
C GLU A 50 -5.85 12.27 -4.03
N ILE A 51 -6.35 11.09 -3.70
CA ILE A 51 -7.73 10.72 -4.04
C ILE A 51 -8.13 11.32 -5.39
N GLU A 52 -7.90 10.57 -6.46
CA GLU A 52 -8.24 11.01 -7.80
C GLU A 52 -9.73 10.82 -8.07
N LEU A 53 -10.22 9.61 -7.82
CA LEU A 53 -11.62 9.29 -8.03
C LEU A 53 -12.52 10.02 -7.03
N SER A 1 5.52 -11.33 -12.07
CA SER A 1 5.08 -10.87 -10.75
C SER A 1 5.95 -11.45 -9.65
N ASP A 2 6.63 -10.57 -8.93
CA ASP A 2 7.51 -10.99 -7.84
C ASP A 2 7.02 -10.43 -6.50
N ARG A 3 6.01 -9.56 -6.56
CA ARG A 3 5.46 -8.96 -5.35
C ARG A 3 6.30 -7.76 -4.91
N THR A 4 6.20 -6.67 -5.66
CA THR A 4 6.95 -5.46 -5.35
C THR A 4 6.01 -4.28 -5.08
N CYS A 5 6.38 -3.44 -4.13
CA CYS A 5 5.57 -2.28 -3.77
C CYS A 5 5.18 -1.49 -5.02
N ALA A 6 3.96 -0.98 -5.02
CA ALA A 6 3.46 -0.20 -6.15
C ALA A 6 3.67 1.29 -5.92
N ARG A 7 4.55 1.62 -4.98
CA ARG A 7 4.84 3.02 -4.67
C ARG A 7 6.34 3.27 -4.62
N CYS A 8 7.08 2.30 -4.10
CA CYS A 8 8.53 2.40 -3.99
C CYS A 8 9.22 1.30 -4.79
N GLN A 9 8.44 0.30 -5.21
CA GLN A 9 8.98 -0.81 -5.99
C GLN A 9 10.05 -1.56 -5.19
N GLU A 10 9.67 -2.02 -4.00
CA GLU A 10 10.60 -2.76 -3.15
C GLU A 10 10.16 -4.21 -2.98
N SER A 11 11.09 -5.06 -2.56
CA SER A 11 10.79 -6.47 -2.36
C SER A 11 9.84 -6.67 -1.19
N LEU A 12 8.76 -7.40 -1.42
CA LEU A 12 7.76 -7.66 -0.39
C LEU A 12 8.18 -8.86 0.47
N GLY A 13 9.48 -9.13 0.50
CA GLY A 13 9.99 -10.23 1.29
C GLY A 13 9.74 -10.05 2.78
N ARG A 14 9.35 -11.13 3.45
CA ARG A 14 9.08 -11.08 4.88
C ARG A 14 8.19 -9.89 5.22
N LEU A 15 7.05 -9.78 4.56
CA LEU A 15 6.12 -8.69 4.79
C LEU A 15 4.71 -9.22 4.99
N SER A 16 3.93 -9.25 3.91
CA SER A 16 2.55 -9.74 3.98
C SER A 16 1.75 -9.26 2.77
N PRO A 17 2.00 -9.89 1.61
CA PRO A 17 1.31 -9.55 0.37
C PRO A 17 -0.16 -9.94 0.39
N LYS A 18 -0.61 -10.47 1.52
CA LYS A 18 -2.00 -10.88 1.67
C LYS A 18 -2.84 -9.76 2.29
N THR A 19 -2.18 -8.85 2.99
CA THR A 19 -2.86 -7.73 3.64
C THR A 19 -2.20 -6.40 3.28
N ASN A 20 -1.23 -6.46 2.37
CA ASN A 20 -0.53 -5.26 1.93
C ASN A 20 -1.01 -4.82 0.55
N THR A 21 -2.29 -5.06 0.28
CA THR A 21 -2.88 -4.68 -1.00
C THR A 21 -3.83 -3.50 -0.84
N CYS A 22 -3.37 -2.32 -1.24
CA CYS A 22 -4.17 -1.11 -1.14
C CYS A 22 -5.61 -1.38 -1.56
N ARG A 23 -6.56 -0.76 -0.86
CA ARG A 23 -7.97 -0.93 -1.15
C ARG A 23 -8.46 0.13 -2.13
N GLY A 24 -7.65 1.17 -2.32
CA GLY A 24 -8.03 2.24 -3.23
C GLY A 24 -7.33 2.13 -4.56
N CYS A 25 -6.34 1.23 -4.64
CA CYS A 25 -5.59 1.03 -5.88
C CYS A 25 -5.62 -0.43 -6.30
N ASN A 26 -5.67 -1.32 -5.32
CA ASN A 26 -5.71 -2.76 -5.58
C ASN A 26 -4.32 -3.28 -5.93
N HIS A 27 -3.29 -2.57 -5.47
CA HIS A 27 -1.91 -2.96 -5.74
C HIS A 27 -1.17 -3.27 -4.44
N LEU A 28 0.04 -3.79 -4.56
CA LEU A 28 0.85 -4.13 -3.40
C LEU A 28 1.51 -2.88 -2.81
N VAL A 29 1.76 -2.91 -1.51
CA VAL A 29 2.38 -1.79 -0.82
C VAL A 29 3.04 -2.24 0.48
N CYS A 30 4.34 -2.04 0.57
CA CYS A 30 5.10 -2.42 1.77
C CYS A 30 4.47 -1.81 3.02
N ARG A 31 5.02 -2.16 4.18
CA ARG A 31 4.51 -1.65 5.44
C ARG A 31 5.10 -0.28 5.76
N ASP A 32 5.59 0.40 4.72
CA ASP A 32 6.18 1.72 4.88
C ASP A 32 5.50 2.73 3.96
N CYS A 33 4.72 2.23 3.02
CA CYS A 33 4.02 3.09 2.07
C CYS A 33 2.53 3.16 2.40
N ARG A 34 2.16 2.60 3.54
CA ARG A 34 0.76 2.60 3.97
C ARG A 34 0.50 3.71 4.99
N ILE A 35 -0.63 4.37 4.85
CA ILE A 35 -1.01 5.45 5.76
C ILE A 35 -2.24 5.09 6.57
N GLN A 36 -2.05 4.93 7.88
CA GLN A 36 -3.15 4.58 8.77
C GLN A 36 -4.31 5.56 8.62
N GLU A 37 -5.48 5.03 8.28
CA GLU A 37 -6.66 5.86 8.09
C GLU A 37 -7.57 5.79 9.32
N SER A 38 -8.31 6.86 9.56
CA SER A 38 -9.22 6.92 10.70
C SER A 38 -10.55 6.25 10.38
N ASN A 39 -10.56 4.92 10.44
CA ASN A 39 -11.78 4.16 10.15
C ASN A 39 -11.58 2.69 10.48
N GLY A 40 -10.36 2.19 10.29
CA GLY A 40 -10.06 0.81 10.57
C GLY A 40 -9.21 0.16 9.49
N THR A 41 -8.99 0.88 8.40
CA THR A 41 -8.20 0.37 7.29
C THR A 41 -6.99 1.28 7.01
N TRP A 42 -6.43 1.15 5.82
CA TRP A 42 -5.27 1.95 5.43
C TRP A 42 -5.25 2.19 3.93
N ARG A 43 -4.46 3.16 3.49
CA ARG A 43 -4.35 3.49 2.07
C ARG A 43 -2.94 3.97 1.73
N CYS A 44 -2.36 3.38 0.70
CA CYS A 44 -1.01 3.75 0.27
C CYS A 44 -0.82 5.26 0.35
N LYS A 45 0.44 5.69 0.42
CA LYS A 45 0.77 7.10 0.50
C LYS A 45 0.15 7.87 -0.67
N VAL A 46 0.13 7.24 -1.83
CA VAL A 46 -0.45 7.86 -3.02
C VAL A 46 -1.95 8.06 -2.88
N CYS A 47 -2.56 7.27 -2.00
CA CYS A 47 -4.00 7.37 -1.76
C CYS A 47 -4.30 8.30 -0.60
N ALA A 48 -3.64 8.07 0.53
CA ALA A 48 -3.83 8.90 1.72
C ALA A 48 -3.37 10.33 1.47
N LYS A 49 -2.52 10.50 0.46
CA LYS A 49 -2.00 11.82 0.12
C LYS A 49 -2.25 12.14 -1.36
N GLU A 50 -2.62 13.38 -1.64
CA GLU A 50 -2.89 13.81 -3.00
C GLU A 50 -4.07 13.05 -3.60
N ILE A 51 -5.27 13.58 -3.38
CA ILE A 51 -6.48 12.95 -3.90
C ILE A 51 -7.02 13.69 -5.11
N GLU A 52 -7.00 13.03 -6.26
CA GLU A 52 -7.50 13.64 -7.50
C GLU A 52 -8.99 13.36 -7.68
N LEU A 53 -9.81 14.38 -7.47
CA LEU A 53 -11.26 14.24 -7.62
C LEU A 53 -11.82 13.27 -6.58
N SER A 1 3.76 -12.03 -11.33
CA SER A 1 4.36 -10.98 -10.53
C SER A 1 5.33 -11.55 -9.50
N ASP A 2 6.04 -10.67 -8.82
CA ASP A 2 6.99 -11.09 -7.80
C ASP A 2 6.62 -10.52 -6.43
N ARG A 3 5.63 -9.63 -6.41
CA ARG A 3 5.18 -9.01 -5.18
C ARG A 3 6.07 -7.82 -4.82
N THR A 4 6.01 -6.78 -5.65
CA THR A 4 6.81 -5.58 -5.41
C THR A 4 5.93 -4.39 -5.04
N CYS A 5 6.43 -3.55 -4.15
CA CYS A 5 5.68 -2.37 -3.71
C CYS A 5 5.28 -1.51 -4.90
N ALA A 6 4.12 -0.88 -4.80
CA ALA A 6 3.62 -0.01 -5.87
C ALA A 6 4.15 1.42 -5.71
N ARG A 7 4.94 1.64 -4.67
CA ARG A 7 5.50 2.96 -4.41
C ARG A 7 7.03 2.89 -4.33
N CYS A 8 7.54 1.79 -3.81
CA CYS A 8 8.98 1.60 -3.68
C CYS A 8 9.52 0.69 -4.79
N GLN A 9 8.66 -0.18 -5.28
CA GLN A 9 9.04 -1.11 -6.35
C GLN A 9 10.10 -2.08 -5.86
N GLU A 10 10.10 -2.34 -4.56
CA GLU A 10 11.07 -3.25 -3.96
C GLU A 10 10.41 -4.57 -3.56
N SER A 11 11.16 -5.66 -3.65
CA SER A 11 10.65 -6.98 -3.31
C SER A 11 10.02 -6.97 -1.91
N LEU A 12 8.82 -7.51 -1.80
CA LEU A 12 8.12 -7.57 -0.53
C LEU A 12 8.66 -8.69 0.35
N GLY A 13 8.97 -9.83 -0.27
CA GLY A 13 9.50 -10.95 0.47
C GLY A 13 8.93 -11.05 1.87
N ARG A 14 9.81 -11.17 2.86
CA ARG A 14 9.39 -11.27 4.26
C ARG A 14 8.55 -10.06 4.66
N LEU A 15 7.23 -10.18 4.49
CA LEU A 15 6.32 -9.10 4.85
C LEU A 15 4.88 -9.61 4.91
N SER A 16 4.16 -9.47 3.81
CA SER A 16 2.77 -9.92 3.74
C SER A 16 2.05 -9.24 2.57
N PRO A 17 2.28 -9.76 1.36
CA PRO A 17 1.66 -9.22 0.14
C PRO A 17 0.16 -9.51 0.09
N LYS A 18 -0.37 -10.12 1.15
CA LYS A 18 -1.78 -10.46 1.22
C LYS A 18 -2.55 -9.39 2.00
N THR A 19 -1.89 -8.82 3.01
CA THR A 19 -2.52 -7.79 3.83
C THR A 19 -1.91 -6.42 3.55
N ASN A 20 -1.26 -6.30 2.39
CA ASN A 20 -0.63 -5.04 2.01
C ASN A 20 -1.11 -4.61 0.62
N THR A 21 -2.35 -4.96 0.29
CA THR A 21 -2.92 -4.61 -1.00
C THR A 21 -3.89 -3.45 -0.86
N CYS A 22 -3.39 -2.23 -1.09
CA CYS A 22 -4.22 -1.03 -0.99
C CYS A 22 -5.64 -1.31 -1.46
N ARG A 23 -6.61 -0.96 -0.62
CA ARG A 23 -8.01 -1.18 -0.94
C ARG A 23 -8.52 -0.11 -1.90
N GLY A 24 -7.61 0.72 -2.38
CA GLY A 24 -7.98 1.78 -3.31
C GLY A 24 -7.21 1.71 -4.61
N CYS A 25 -6.18 0.88 -4.65
CA CYS A 25 -5.35 0.73 -5.84
C CYS A 25 -5.30 -0.74 -6.26
N ASN A 26 -5.36 -1.64 -5.28
CA ASN A 26 -5.30 -3.07 -5.55
C ASN A 26 -3.86 -3.53 -5.78
N HIS A 27 -2.91 -2.70 -5.36
CA HIS A 27 -1.49 -3.03 -5.52
C HIS A 27 -0.83 -3.23 -4.16
N LEU A 28 0.35 -3.84 -4.17
CA LEU A 28 1.08 -4.11 -2.94
C LEU A 28 1.72 -2.82 -2.40
N VAL A 29 1.83 -2.73 -1.09
CA VAL A 29 2.43 -1.57 -0.45
C VAL A 29 3.02 -1.92 0.92
N CYS A 30 4.32 -1.75 1.06
CA CYS A 30 5.00 -2.06 2.32
C CYS A 30 4.28 -1.42 3.49
N ARG A 31 4.80 -1.64 4.70
CA ARG A 31 4.20 -1.08 5.90
C ARG A 31 4.71 0.33 6.16
N ASP A 32 5.44 0.87 5.19
CA ASP A 32 5.98 2.22 5.32
C ASP A 32 5.35 3.16 4.28
N CYS A 33 4.61 2.58 3.36
CA CYS A 33 3.94 3.36 2.32
C CYS A 33 2.44 3.45 2.57
N ARG A 34 2.00 2.89 3.70
CA ARG A 34 0.59 2.92 4.06
C ARG A 34 0.32 3.99 5.12
N ILE A 35 -0.84 4.64 5.00
CA ILE A 35 -1.22 5.68 5.94
C ILE A 35 -2.43 5.27 6.76
N GLN A 36 -2.23 5.09 8.07
CA GLN A 36 -3.32 4.69 8.96
C GLN A 36 -4.50 5.64 8.83
N GLU A 37 -5.60 5.14 8.29
CA GLU A 37 -6.81 5.94 8.11
C GLU A 37 -7.70 5.88 9.35
N SER A 38 -8.63 6.81 9.45
CA SER A 38 -9.53 6.88 10.59
C SER A 38 -10.78 6.04 10.34
N ASN A 39 -10.68 5.11 9.39
CA ASN A 39 -11.81 4.25 9.05
C ASN A 39 -11.51 2.80 9.43
N GLY A 40 -10.51 2.61 10.29
CA GLY A 40 -10.16 1.27 10.72
C GLY A 40 -9.33 0.53 9.69
N THR A 41 -9.06 1.19 8.56
CA THR A 41 -8.27 0.59 7.50
C THR A 41 -7.03 1.42 7.19
N TRP A 42 -6.44 1.18 6.02
CA TRP A 42 -5.24 1.91 5.61
C TRP A 42 -5.19 2.07 4.09
N ARG A 43 -4.50 3.11 3.63
CA ARG A 43 -4.37 3.37 2.21
C ARG A 43 -3.01 3.96 1.88
N CYS A 44 -2.43 3.51 0.77
CA CYS A 44 -1.11 4.00 0.34
C CYS A 44 -1.02 5.51 0.50
N LYS A 45 0.19 6.03 0.40
CA LYS A 45 0.42 7.47 0.53
C LYS A 45 -0.15 8.22 -0.67
N VAL A 46 -0.45 7.48 -1.73
CA VAL A 46 -1.00 8.07 -2.95
C VAL A 46 -2.52 8.20 -2.85
N CYS A 47 -3.12 7.41 -1.97
CA CYS A 47 -4.56 7.43 -1.77
C CYS A 47 -4.94 8.25 -0.54
N ALA A 48 -4.25 7.99 0.57
CA ALA A 48 -4.52 8.71 1.80
C ALA A 48 -4.03 10.15 1.72
N LYS A 49 -3.20 10.44 0.72
CA LYS A 49 -2.68 11.78 0.52
C LYS A 49 -3.79 12.81 0.56
N GLU A 50 -4.68 12.76 -0.43
CA GLU A 50 -5.80 13.70 -0.50
C GLU A 50 -6.90 13.15 -1.39
N ILE A 51 -6.96 11.83 -1.52
CA ILE A 51 -7.97 11.18 -2.34
C ILE A 51 -7.79 11.54 -3.81
N GLU A 52 -7.17 10.63 -4.58
CA GLU A 52 -6.95 10.86 -6.00
C GLU A 52 -8.14 10.40 -6.82
N LEU A 53 -9.34 10.62 -6.29
CA LEU A 53 -10.56 10.23 -6.98
C LEU A 53 -10.67 8.71 -7.09
N SER A 1 5.25 -9.73 -11.94
CA SER A 1 4.45 -10.50 -11.01
C SER A 1 5.33 -11.20 -9.99
N ASP A 2 6.05 -10.43 -9.19
CA ASP A 2 6.94 -10.97 -8.17
C ASP A 2 6.57 -10.45 -6.79
N ARG A 3 5.59 -9.55 -6.75
CA ARG A 3 5.15 -8.95 -5.49
C ARG A 3 6.07 -7.81 -5.07
N THR A 4 5.97 -6.70 -5.78
CA THR A 4 6.79 -5.52 -5.49
C THR A 4 5.91 -4.32 -5.13
N CYS A 5 6.40 -3.50 -4.21
CA CYS A 5 5.68 -2.31 -3.78
C CYS A 5 5.29 -1.44 -4.98
N ALA A 6 4.10 -0.86 -4.92
CA ALA A 6 3.62 0.00 -6.01
C ALA A 6 4.12 1.44 -5.83
N ARG A 7 5.00 1.63 -4.86
CA ARG A 7 5.55 2.97 -4.59
C ARG A 7 7.07 2.93 -4.53
N CYS A 8 7.62 1.86 -3.97
CA CYS A 8 9.06 1.70 -3.86
C CYS A 8 9.58 0.72 -4.91
N GLN A 9 8.71 -0.17 -5.37
CA GLN A 9 9.09 -1.16 -6.37
C GLN A 9 10.12 -2.14 -5.81
N GLU A 10 10.15 -2.27 -4.49
CA GLU A 10 11.08 -3.17 -3.83
C GLU A 10 10.40 -4.47 -3.41
N SER A 11 11.05 -5.59 -3.70
CA SER A 11 10.49 -6.90 -3.35
C SER A 11 9.80 -6.86 -1.99
N LEU A 12 8.77 -7.67 -1.85
CA LEU A 12 8.02 -7.73 -0.60
C LEU A 12 8.53 -8.85 0.30
N GLY A 13 9.83 -9.12 0.21
CA GLY A 13 10.43 -10.16 1.02
C GLY A 13 9.94 -10.13 2.46
N ARG A 14 9.40 -11.25 2.92
CA ARG A 14 8.89 -11.35 4.28
C ARG A 14 8.09 -10.10 4.66
N LEU A 15 6.82 -10.07 4.26
CA LEU A 15 5.96 -8.93 4.56
C LEU A 15 4.51 -9.37 4.66
N SER A 16 4.12 -10.32 3.82
CA SER A 16 2.75 -10.83 3.82
C SER A 16 1.84 -9.91 3.01
N PRO A 17 1.87 -10.08 1.68
CA PRO A 17 1.05 -9.28 0.76
C PRO A 17 -0.43 -9.62 0.86
N LYS A 18 -0.77 -10.53 1.76
CA LYS A 18 -2.15 -10.95 1.96
C LYS A 18 -2.96 -9.83 2.61
N THR A 19 -2.27 -8.89 3.25
CA THR A 19 -2.93 -7.78 3.92
C THR A 19 -2.14 -6.48 3.72
N ASN A 20 -1.39 -6.42 2.63
CA ASN A 20 -0.59 -5.24 2.33
C ASN A 20 -0.93 -4.70 0.93
N THR A 21 -2.14 -4.96 0.48
CA THR A 21 -2.58 -4.50 -0.83
C THR A 21 -3.60 -3.37 -0.71
N CYS A 22 -3.19 -2.17 -1.11
CA CYS A 22 -4.05 -1.00 -1.04
C CYS A 22 -5.49 -1.36 -1.40
N ARG A 23 -6.44 -0.76 -0.71
CA ARG A 23 -7.85 -1.03 -0.96
C ARG A 23 -8.40 -0.06 -2.00
N GLY A 24 -7.61 0.94 -2.35
CA GLY A 24 -8.05 1.92 -3.34
C GLY A 24 -7.28 1.79 -4.64
N CYS A 25 -6.22 1.01 -4.64
CA CYS A 25 -5.39 0.80 -5.83
C CYS A 25 -5.33 -0.67 -6.20
N ASN A 26 -5.38 -1.53 -5.19
CA ASN A 26 -5.33 -2.98 -5.41
C ASN A 26 -3.90 -3.44 -5.68
N HIS A 27 -2.94 -2.62 -5.27
CA HIS A 27 -1.53 -2.93 -5.46
C HIS A 27 -0.83 -3.15 -4.13
N LEU A 28 0.35 -3.77 -4.17
CA LEU A 28 1.12 -4.04 -2.96
C LEU A 28 1.76 -2.76 -2.42
N VAL A 29 1.93 -2.71 -1.11
CA VAL A 29 2.53 -1.55 -0.46
C VAL A 29 3.19 -1.93 0.86
N CYS A 30 4.49 -1.70 0.95
CA CYS A 30 5.25 -2.02 2.15
C CYS A 30 4.55 -1.48 3.40
N ARG A 31 5.13 -1.73 4.56
CA ARG A 31 4.55 -1.26 5.82
C ARG A 31 5.04 0.15 6.14
N ASP A 32 5.52 0.84 5.13
CA ASP A 32 6.01 2.22 5.30
C ASP A 32 5.36 3.16 4.30
N CYS A 33 4.61 2.59 3.35
CA CYS A 33 3.94 3.38 2.33
C CYS A 33 2.44 3.43 2.60
N ARG A 34 2.04 2.97 3.78
CA ARG A 34 0.62 2.97 4.16
C ARG A 34 0.33 4.08 5.16
N ILE A 35 -0.85 4.69 5.02
CA ILE A 35 -1.26 5.77 5.91
C ILE A 35 -2.45 5.35 6.76
N GLN A 36 -2.20 5.12 8.05
CA GLN A 36 -3.26 4.73 8.97
C GLN A 36 -4.46 5.64 8.85
N GLU A 37 -5.61 5.08 8.49
CA GLU A 37 -6.84 5.85 8.34
C GLU A 37 -7.73 5.70 9.57
N SER A 38 -8.75 6.56 9.65
CA SER A 38 -9.67 6.52 10.78
C SER A 38 -10.88 5.64 10.47
N ASN A 39 -10.81 4.92 9.36
CA ASN A 39 -11.89 4.04 8.94
C ASN A 39 -11.60 2.59 9.34
N GLY A 40 -10.47 2.39 9.99
CA GLY A 40 -10.09 1.04 10.42
C GLY A 40 -9.14 0.38 9.45
N THR A 41 -9.03 0.93 8.25
CA THR A 41 -8.15 0.38 7.23
C THR A 41 -6.97 1.31 6.96
N TRP A 42 -6.38 1.17 5.78
CA TRP A 42 -5.24 2.00 5.40
C TRP A 42 -5.19 2.20 3.89
N ARG A 43 -4.59 3.30 3.46
CA ARG A 43 -4.47 3.61 2.04
C ARG A 43 -3.09 4.17 1.71
N CYS A 44 -2.46 3.63 0.67
CA CYS A 44 -1.14 4.07 0.25
C CYS A 44 -1.02 5.59 0.36
N LYS A 45 0.21 6.09 0.39
CA LYS A 45 0.46 7.51 0.49
C LYS A 45 -0.11 8.25 -0.72
N VAL A 46 -0.32 7.52 -1.81
CA VAL A 46 -0.86 8.10 -3.03
C VAL A 46 -2.37 8.27 -2.93
N CYS A 47 -3.00 7.47 -2.07
CA CYS A 47 -4.44 7.54 -1.88
C CYS A 47 -4.79 8.37 -0.64
N ALA A 48 -4.20 8.02 0.49
CA ALA A 48 -4.45 8.73 1.74
C ALA A 48 -3.96 10.16 1.65
N LYS A 49 -3.13 10.44 0.65
CA LYS A 49 -2.58 11.78 0.45
C LYS A 49 -3.59 12.85 0.86
N GLU A 50 -4.72 12.89 0.15
CA GLU A 50 -5.77 13.87 0.43
C GLU A 50 -7.14 13.32 0.05
N ILE A 51 -8.18 14.11 0.34
CA ILE A 51 -9.54 13.70 0.02
C ILE A 51 -9.78 13.70 -1.48
N GLU A 52 -10.14 12.54 -2.02
CA GLU A 52 -10.39 12.40 -3.44
C GLU A 52 -11.62 11.52 -3.70
N LEU A 53 -12.77 12.15 -3.87
CA LEU A 53 -14.02 11.42 -4.12
C LEU A 53 -14.44 10.65 -2.88
N SER A 1 5.11 -10.48 -12.41
CA SER A 1 4.52 -10.43 -11.09
C SER A 1 5.43 -11.08 -10.06
N ASP A 2 6.12 -10.28 -9.27
CA ASP A 2 7.02 -10.78 -8.25
C ASP A 2 6.60 -10.31 -6.86
N ARG A 3 5.64 -9.40 -6.83
CA ARG A 3 5.15 -8.86 -5.56
C ARG A 3 6.05 -7.74 -5.06
N THR A 4 6.07 -6.63 -5.79
CA THR A 4 6.89 -5.49 -5.42
C THR A 4 6.03 -4.27 -5.11
N CYS A 5 6.43 -3.51 -4.09
CA CYS A 5 5.69 -2.31 -3.70
C CYS A 5 5.26 -1.51 -4.92
N ALA A 6 4.17 -0.78 -4.78
CA ALA A 6 3.65 0.04 -5.88
C ALA A 6 4.03 1.50 -5.68
N ARG A 7 4.82 1.78 -4.65
CA ARG A 7 5.24 3.14 -4.36
C ARG A 7 6.76 3.24 -4.33
N CYS A 8 7.41 2.20 -3.79
CA CYS A 8 8.86 2.17 -3.70
C CYS A 8 9.43 1.06 -4.56
N GLN A 9 8.57 0.16 -5.02
CA GLN A 9 8.98 -0.95 -5.86
C GLN A 9 10.02 -1.82 -5.13
N GLU A 10 9.64 -2.32 -3.96
CA GLU A 10 10.54 -3.15 -3.17
C GLU A 10 9.95 -4.55 -2.98
N SER A 11 10.82 -5.53 -2.77
CA SER A 11 10.40 -6.91 -2.57
C SER A 11 9.47 -7.02 -1.37
N LEU A 12 8.40 -7.80 -1.52
CA LEU A 12 7.44 -8.00 -0.43
C LEU A 12 7.66 -9.34 0.25
N GLY A 13 8.89 -9.85 0.18
CA GLY A 13 9.21 -11.12 0.80
C GLY A 13 8.64 -11.23 2.20
N ARG A 14 9.48 -10.94 3.19
CA ARG A 14 9.06 -11.01 4.59
C ARG A 14 8.18 -9.81 4.96
N LEU A 15 7.18 -9.53 4.13
CA LEU A 15 6.27 -8.42 4.37
C LEU A 15 4.82 -8.88 4.36
N SER A 16 4.56 -9.95 3.61
CA SER A 16 3.20 -10.49 3.51
C SER A 16 2.38 -9.70 2.50
N PRO A 17 2.56 -10.01 1.22
CA PRO A 17 1.84 -9.34 0.13
C PRO A 17 0.36 -9.71 0.10
N LYS A 18 -0.04 -10.58 1.02
CA LYS A 18 -1.43 -11.02 1.10
C LYS A 18 -2.28 -10.00 1.84
N THR A 19 -1.66 -9.28 2.77
CA THR A 19 -2.37 -8.27 3.55
C THR A 19 -1.72 -6.90 3.39
N ASN A 20 -0.84 -6.79 2.40
CA ASN A 20 -0.15 -5.53 2.12
C ASN A 20 -0.66 -4.89 0.83
N THR A 21 -1.85 -5.30 0.41
CA THR A 21 -2.45 -4.77 -0.81
C THR A 21 -3.46 -3.67 -0.50
N CYS A 22 -3.14 -2.46 -0.93
CA CYS A 22 -4.02 -1.31 -0.70
C CYS A 22 -5.46 -1.64 -1.11
N ARG A 23 -6.40 -1.32 -0.22
CA ARG A 23 -7.81 -1.58 -0.47
C ARG A 23 -8.43 -0.46 -1.30
N GLY A 24 -7.59 0.45 -1.78
CA GLY A 24 -8.08 1.56 -2.58
C GLY A 24 -7.72 1.43 -4.05
N CYS A 25 -6.47 1.04 -4.32
CA CYS A 25 -6.00 0.89 -5.69
C CYS A 25 -5.80 -0.59 -6.02
N ASN A 26 -5.64 -1.41 -4.99
CA ASN A 26 -5.44 -2.84 -5.18
C ASN A 26 -3.97 -3.15 -5.46
N HIS A 27 -3.12 -2.15 -5.28
CA HIS A 27 -1.69 -2.32 -5.52
C HIS A 27 -0.96 -2.70 -4.24
N LEU A 28 0.21 -3.32 -4.39
CA LEU A 28 1.00 -3.74 -3.24
C LEU A 28 1.72 -2.54 -2.62
N VAL A 29 1.75 -2.50 -1.29
CA VAL A 29 2.41 -1.42 -0.57
C VAL A 29 2.99 -1.90 0.75
N CYS A 30 4.32 -1.93 0.83
CA CYS A 30 5.00 -2.38 2.03
C CYS A 30 4.44 -1.68 3.27
N ARG A 31 4.98 -2.03 4.44
CA ARG A 31 4.52 -1.45 5.69
C ARG A 31 5.20 -0.10 5.94
N ASP A 32 5.69 0.53 4.87
CA ASP A 32 6.36 1.82 4.97
C ASP A 32 5.75 2.83 4.02
N CYS A 33 4.86 2.34 3.14
CA CYS A 33 4.20 3.21 2.17
C CYS A 33 2.70 3.28 2.43
N ARG A 34 2.30 2.93 3.64
CA ARG A 34 0.90 2.96 4.03
C ARG A 34 0.63 4.07 5.03
N ILE A 35 -0.57 4.65 4.95
CA ILE A 35 -0.96 5.73 5.85
C ILE A 35 -2.22 5.37 6.63
N GLN A 36 -2.09 5.31 7.95
CA GLN A 36 -3.22 4.98 8.81
C GLN A 36 -4.43 5.85 8.48
N GLU A 37 -5.56 5.21 8.20
CA GLU A 37 -6.79 5.93 7.87
C GLU A 37 -7.83 5.75 8.96
N SER A 38 -8.22 6.86 9.59
CA SER A 38 -9.22 6.83 10.65
C SER A 38 -10.45 6.04 10.22
N ASN A 39 -10.70 6.01 8.92
CA ASN A 39 -11.85 5.29 8.38
C ASN A 39 -11.98 3.91 9.03
N GLY A 40 -10.88 3.17 9.06
CA GLY A 40 -10.90 1.85 9.66
C GLY A 40 -9.70 1.01 9.24
N THR A 41 -9.25 1.20 8.01
CA THR A 41 -8.11 0.45 7.49
C THR A 41 -6.96 1.38 7.14
N TRP A 42 -6.13 0.96 6.19
CA TRP A 42 -4.99 1.76 5.77
C TRP A 42 -4.95 1.90 4.25
N ARG A 43 -4.36 2.99 3.78
CA ARG A 43 -4.26 3.26 2.35
C ARG A 43 -2.91 3.88 2.00
N CYS A 44 -2.33 3.44 0.88
CA CYS A 44 -1.04 3.95 0.44
C CYS A 44 -1.07 5.47 0.33
N LYS A 45 0.07 6.10 0.61
CA LYS A 45 0.18 7.56 0.55
C LYS A 45 -0.61 8.12 -0.63
N VAL A 46 -0.51 7.45 -1.77
CA VAL A 46 -1.21 7.87 -2.98
C VAL A 46 -2.73 7.92 -2.73
N CYS A 47 -3.23 6.92 -2.02
CA CYS A 47 -4.65 6.85 -1.72
C CYS A 47 -5.02 7.80 -0.59
N ALA A 48 -4.32 7.68 0.53
CA ALA A 48 -4.57 8.53 1.70
C ALA A 48 -4.50 10.00 1.32
N LYS A 49 -3.67 10.31 0.33
CA LYS A 49 -3.49 11.69 -0.13
C LYS A 49 -4.68 12.12 -1.00
N GLU A 50 -5.18 11.19 -1.80
CA GLU A 50 -6.31 11.47 -2.69
C GLU A 50 -5.89 12.43 -3.80
N ILE A 51 -6.42 12.20 -5.00
CA ILE A 51 -6.11 13.04 -6.15
C ILE A 51 -7.31 13.16 -7.09
N GLU A 52 -7.05 13.61 -8.32
CA GLU A 52 -8.10 13.76 -9.30
C GLU A 52 -7.79 12.97 -10.57
N LEU A 53 -6.92 13.53 -11.40
CA LEU A 53 -6.52 12.89 -12.64
C LEU A 53 -5.34 11.96 -12.43
N SER A 1 4.16 -8.97 -10.93
CA SER A 1 3.88 -10.39 -10.74
C SER A 1 4.94 -11.04 -9.86
N ASP A 2 5.59 -10.22 -9.04
CA ASP A 2 6.64 -10.72 -8.15
C ASP A 2 6.38 -10.28 -6.71
N ARG A 3 5.38 -9.42 -6.53
CA ARG A 3 5.03 -8.92 -5.21
C ARG A 3 5.94 -7.76 -4.81
N THR A 4 5.86 -6.67 -5.56
CA THR A 4 6.68 -5.49 -5.28
C THR A 4 5.81 -4.30 -4.91
N CYS A 5 6.35 -3.42 -4.07
CA CYS A 5 5.62 -2.24 -3.63
C CYS A 5 5.27 -1.34 -4.82
N ALA A 6 4.11 -0.71 -4.77
CA ALA A 6 3.66 0.17 -5.83
C ALA A 6 4.15 1.60 -5.62
N ARG A 7 5.14 1.75 -4.73
CA ARG A 7 5.70 3.05 -4.44
C ARG A 7 7.22 3.01 -4.41
N CYS A 8 7.77 2.00 -3.75
CA CYS A 8 9.22 1.83 -3.65
C CYS A 8 9.70 0.75 -4.62
N GLN A 9 8.78 -0.10 -5.06
CA GLN A 9 9.12 -1.17 -5.99
C GLN A 9 10.02 -2.20 -5.32
N GLU A 10 9.92 -2.31 -4.00
CA GLU A 10 10.73 -3.25 -3.24
C GLU A 10 9.97 -4.57 -3.04
N SER A 11 10.71 -5.68 -3.11
CA SER A 11 10.11 -6.99 -2.95
C SER A 11 9.36 -7.09 -1.63
N LEU A 12 8.19 -7.73 -1.65
CA LEU A 12 7.37 -7.89 -0.46
C LEU A 12 7.66 -9.22 0.22
N GLY A 13 8.72 -9.90 -0.23
CA GLY A 13 9.08 -11.18 0.36
C GLY A 13 8.81 -11.23 1.85
N ARG A 14 9.74 -10.69 2.63
CA ARG A 14 9.60 -10.69 4.08
C ARG A 14 8.61 -9.62 4.53
N LEU A 15 7.42 -9.63 3.94
CA LEU A 15 6.38 -8.66 4.28
C LEU A 15 5.00 -9.29 4.18
N SER A 16 4.95 -10.62 4.15
CA SER A 16 3.69 -11.34 4.06
C SER A 16 2.69 -10.58 3.19
N PRO A 17 2.90 -10.62 1.87
CA PRO A 17 2.02 -9.94 0.90
C PRO A 17 0.64 -10.59 0.83
N LYS A 18 -0.11 -10.53 1.91
CA LYS A 18 -1.45 -11.11 1.96
C LYS A 18 -2.47 -10.08 2.44
N THR A 19 -1.98 -8.94 2.90
CA THR A 19 -2.85 -7.88 3.39
C THR A 19 -2.23 -6.51 3.16
N ASN A 20 -1.19 -6.46 2.34
CA ASN A 20 -0.50 -5.21 2.02
C ASN A 20 -0.92 -4.69 0.66
N THR A 21 -2.15 -5.00 0.26
CA THR A 21 -2.68 -4.56 -1.03
C THR A 21 -3.72 -3.46 -0.85
N CYS A 22 -3.29 -2.21 -1.04
CA CYS A 22 -4.18 -1.07 -0.89
C CYS A 22 -5.57 -1.39 -1.46
N ARG A 23 -6.59 -1.12 -0.66
CA ARG A 23 -7.97 -1.38 -1.07
C ARG A 23 -8.48 -0.27 -1.99
N GLY A 24 -7.65 0.75 -2.19
CA GLY A 24 -8.03 1.86 -3.04
C GLY A 24 -7.60 1.67 -4.47
N CYS A 25 -6.34 1.28 -4.67
CA CYS A 25 -5.82 1.07 -6.01
C CYS A 25 -5.67 -0.43 -6.30
N ASN A 26 -5.62 -1.22 -5.24
CA ASN A 26 -5.48 -2.67 -5.38
C ASN A 26 -4.02 -3.05 -5.65
N HIS A 27 -3.11 -2.15 -5.31
CA HIS A 27 -1.69 -2.40 -5.51
C HIS A 27 -0.99 -2.69 -4.18
N LEU A 28 0.18 -3.32 -4.27
CA LEU A 28 0.96 -3.66 -3.07
C LEU A 28 1.63 -2.42 -2.49
N VAL A 29 1.80 -2.41 -1.17
CA VAL A 29 2.43 -1.29 -0.49
C VAL A 29 3.07 -1.74 0.82
N CYS A 30 4.38 -1.58 0.91
CA CYS A 30 5.13 -1.97 2.11
C CYS A 30 4.45 -1.41 3.36
N ARG A 31 4.99 -1.77 4.53
CA ARG A 31 4.44 -1.31 5.79
C ARG A 31 4.94 0.08 6.13
N ASP A 32 5.52 0.76 5.14
CA ASP A 32 6.05 2.10 5.32
C ASP A 32 5.37 3.09 4.37
N CYS A 33 4.62 2.56 3.42
CA CYS A 33 3.92 3.39 2.44
C CYS A 33 2.43 3.44 2.74
N ARG A 34 2.05 2.97 3.93
CA ARG A 34 0.66 2.96 4.33
C ARG A 34 0.35 4.14 5.24
N ILE A 35 -0.80 4.77 5.01
CA ILE A 35 -1.22 5.92 5.81
C ILE A 35 -2.38 5.56 6.73
N GLN A 36 -2.07 5.29 7.99
CA GLN A 36 -3.08 4.93 8.97
C GLN A 36 -4.36 5.74 8.76
N GLU A 37 -5.35 5.12 8.12
CA GLU A 37 -6.61 5.79 7.85
C GLU A 37 -7.54 5.73 9.07
N SER A 38 -8.54 6.61 9.09
CA SER A 38 -9.48 6.66 10.20
C SER A 38 -10.71 5.80 9.90
N ASN A 39 -10.61 4.97 8.87
CA ASN A 39 -11.71 4.08 8.49
C ASN A 39 -11.44 2.65 8.92
N GLY A 40 -10.67 2.50 10.00
CA GLY A 40 -10.35 1.17 10.50
C GLY A 40 -9.45 0.40 9.56
N THR A 41 -8.85 1.11 8.60
CA THR A 41 -7.96 0.49 7.63
C THR A 41 -6.78 1.39 7.30
N TRP A 42 -6.18 1.18 6.14
CA TRP A 42 -5.05 1.98 5.70
C TRP A 42 -5.06 2.18 4.20
N ARG A 43 -4.45 3.28 3.75
CA ARG A 43 -4.40 3.59 2.32
C ARG A 43 -3.03 4.13 1.93
N CYS A 44 -2.47 3.60 0.85
CA CYS A 44 -1.16 4.02 0.37
C CYS A 44 -1.03 5.55 0.42
N LYS A 45 0.19 6.04 0.29
CA LYS A 45 0.44 7.48 0.30
C LYS A 45 -0.04 8.14 -0.98
N VAL A 46 -0.47 7.32 -1.93
CA VAL A 46 -0.97 7.82 -3.20
C VAL A 46 -2.48 7.98 -3.18
N CYS A 47 -3.14 7.27 -2.28
CA CYS A 47 -4.59 7.33 -2.15
C CYS A 47 -5.00 8.23 -0.98
N ALA A 48 -4.42 7.97 0.19
CA ALA A 48 -4.72 8.75 1.38
C ALA A 48 -4.21 10.18 1.24
N LYS A 49 -3.09 10.34 0.53
CA LYS A 49 -2.50 11.65 0.31
C LYS A 49 -2.28 11.92 -1.17
N GLU A 50 -2.34 13.19 -1.55
CA GLU A 50 -2.15 13.57 -2.94
C GLU A 50 -1.05 14.63 -3.08
N ILE A 51 -0.09 14.58 -2.15
CA ILE A 51 1.02 15.52 -2.16
C ILE A 51 0.53 16.95 -2.39
N GLU A 52 -0.01 17.56 -1.34
CA GLU A 52 -0.52 18.92 -1.42
C GLU A 52 -1.33 19.12 -2.70
N LEU A 53 -0.66 19.59 -3.74
CA LEU A 53 -1.32 19.83 -5.03
C LEU A 53 -1.88 18.54 -5.60
#